data_6ENG
#
_entry.id   6ENG
#
_cell.length_a   47.830
_cell.length_b   128.070
_cell.length_c   159.760
_cell.angle_alpha   90.000
_cell.angle_beta   90.000
_cell.angle_gamma   90.000
#
_symmetry.space_group_name_H-M   'P 21 21 21'
#
loop_
_entity.id
_entity.type
_entity.pdbx_description
1 polymer 'DNA gyrase subunit B'
2 non-polymer 'PHOSPHATE ION'
3 non-polymer 'TETRAETHYLENE GLYCOL'
4 non-polymer 'CHLORIDE ION'
5 non-polymer 'SODIUM ION'
6 non-polymer 'POTASSIUM ION'
7 non-polymer 'Coumermycin A1'
8 water water
#
_entity_poly.entity_id   1
_entity_poly.type   'polypeptide(L)'
_entity_poly.pdbx_seq_one_letter_code
;GPHMSNSYDSSSIKVLKGLDAVRKRPGMYIGDTDDGTGLHHMVFEVVDNAIDEALAGHCKEIIVTIHADNSVSVQDDGRG
IPTGIHPEEGVSAAEVIMTVLHAGGKFDDNSYKVSGGLHGVGVSVVNALSQKLELVIQREGKIHRQIYEHGVPQAPLAVT
GETEKTGTMVRFWPSLETFTNVTEFEYEILAKRLRELSFLNSGVSIRLRDKRDGKEDHFHYEGGIKAFVEYLNKNKTPIH
PNIFYFSTEKDGIGVEVALQWNDGFQENIYCFTNNIPQRDGGTHLAGFRAAMTRTLNAYMDKEGYSKKAKVSATGDDARE
GLIAVVSVKVPDPKFSSQTKDKLVSSEVKSAVEQQMNELLAEYLLENPTDAKIVVGKIIDAARAREAARRAREMTR
;
_entity_poly.pdbx_strand_id   A,B
#
loop_
_chem_comp.id
_chem_comp.type
_chem_comp.name
_chem_comp.formula
BHW non-polymer 'Coumermycin A1' 'C55 H59 N5 O20'
CL non-polymer 'CHLORIDE ION' 'Cl -1'
K non-polymer 'POTASSIUM ION' 'K 1'
NA non-polymer 'SODIUM ION' 'Na 1'
PG4 non-polymer 'TETRAETHYLENE GLYCOL' 'C8 H18 O5'
PO4 non-polymer 'PHOSPHATE ION' 'O4 P -3'
#
# COMPACT_ATOMS: atom_id res chain seq x y z
N VAL A 15 35.17 6.84 5.04
CA VAL A 15 36.04 7.54 5.99
C VAL A 15 35.78 7.05 7.44
N LEU A 16 35.09 7.92 8.24
CA LEU A 16 34.69 7.72 9.64
C LEU A 16 33.88 6.42 9.81
N LYS A 17 32.85 6.25 8.96
CA LYS A 17 31.95 5.09 8.93
C LYS A 17 32.41 4.18 7.77
N GLY A 18 33.08 3.09 8.12
CA GLY A 18 33.64 2.16 7.15
C GLY A 18 33.84 0.74 7.62
N LEU A 19 34.24 -0.10 6.67
CA LEU A 19 34.40 -1.54 6.79
C LEU A 19 35.72 -2.03 7.44
N ASP A 20 36.62 -1.11 7.85
CA ASP A 20 37.91 -1.43 8.50
C ASP A 20 37.69 -2.08 9.86
N ALA A 21 36.64 -1.64 10.59
CA ALA A 21 36.24 -2.16 11.90
C ALA A 21 35.84 -3.63 11.76
N VAL A 22 35.06 -3.94 10.71
CA VAL A 22 34.54 -5.26 10.40
C VAL A 22 35.68 -6.24 10.04
N ARG A 23 36.59 -5.84 9.12
CA ARG A 23 37.72 -6.65 8.68
C ARG A 23 38.71 -7.00 9.79
N LYS A 24 38.89 -6.08 10.77
CA LYS A 24 39.76 -6.23 11.93
C LYS A 24 39.17 -7.21 12.95
N ARG A 25 37.84 -7.12 13.20
CA ARG A 25 37.18 -8.00 14.17
C ARG A 25 35.93 -8.65 13.57
N PRO A 26 36.09 -9.54 12.56
CA PRO A 26 34.91 -10.13 11.88
C PRO A 26 33.95 -10.90 12.76
N GLY A 27 34.49 -11.72 13.67
CA GLY A 27 33.71 -12.57 14.56
C GLY A 27 32.70 -11.85 15.42
N MET A 28 33.04 -10.61 15.80
CA MET A 28 32.24 -9.72 16.61
C MET A 28 30.90 -9.40 15.93
N TYR A 29 30.89 -9.36 14.57
CA TYR A 29 29.77 -9.03 13.71
C TYR A 29 28.98 -10.22 13.17
N ILE A 30 29.68 -11.29 12.70
CA ILE A 30 29.02 -12.45 12.06
C ILE A 30 29.25 -13.77 12.79
N GLY A 31 30.14 -13.80 13.78
CA GLY A 31 30.47 -15.05 14.47
C GLY A 31 31.84 -15.56 14.04
N ASP A 32 32.25 -16.72 14.59
CA ASP A 32 33.56 -17.29 14.37
C ASP A 32 33.84 -17.69 12.91
N THR A 33 34.85 -17.02 12.32
CA THR A 33 35.34 -17.19 10.95
C THR A 33 36.17 -18.48 10.69
N ASP A 34 36.41 -19.31 11.72
CA ASP A 34 37.23 -20.51 11.56
C ASP A 34 36.47 -21.85 11.75
N ASP A 35 35.16 -21.83 12.09
CA ASP A 35 34.35 -23.04 12.32
C ASP A 35 33.11 -23.15 11.40
N GLY A 36 32.96 -22.22 10.45
CA GLY A 36 31.85 -22.20 9.50
C GLY A 36 30.58 -21.50 9.96
N THR A 37 30.52 -21.06 11.22
CA THR A 37 29.33 -20.36 11.71
C THR A 37 29.22 -18.97 11.03
N GLY A 38 30.30 -18.17 11.09
CA GLY A 38 30.38 -16.86 10.46
C GLY A 38 30.08 -16.91 8.97
N LEU A 39 30.68 -17.91 8.28
CA LEU A 39 30.49 -18.15 6.86
C LEU A 39 29.04 -18.34 6.48
N HIS A 40 28.27 -19.12 7.26
CA HIS A 40 26.85 -19.38 7.00
C HIS A 40 25.97 -18.21 7.40
N HIS A 41 26.34 -17.47 8.48
CA HIS A 41 25.66 -16.27 8.95
CA HIS A 41 25.61 -16.28 8.91
C HIS A 41 25.68 -15.17 7.88
N MET A 42 26.74 -15.16 7.04
CA MET A 42 26.94 -14.22 5.93
C MET A 42 25.74 -14.30 5.03
N VAL A 43 25.26 -15.53 4.69
CA VAL A 43 24.08 -15.79 3.88
C VAL A 43 22.82 -15.20 4.55
N PHE A 44 22.59 -15.52 5.85
CA PHE A 44 21.42 -15.09 6.63
C PHE A 44 21.37 -13.59 6.91
N GLU A 45 22.51 -12.85 6.87
CA GLU A 45 22.53 -11.39 6.97
C GLU A 45 21.94 -10.80 5.65
N VAL A 46 22.29 -11.39 4.48
CA VAL A 46 21.75 -11.00 3.16
C VAL A 46 20.26 -11.35 3.13
N VAL A 47 19.90 -12.60 3.49
CA VAL A 47 18.52 -13.10 3.55
C VAL A 47 17.62 -12.28 4.50
N ASP A 48 18.16 -11.79 5.62
CA ASP A 48 17.40 -10.94 6.54
C ASP A 48 17.08 -9.59 5.88
N ASN A 49 18.01 -9.04 5.08
CA ASN A 49 17.75 -7.74 4.42
C ASN A 49 16.66 -7.91 3.36
N ALA A 50 16.63 -9.11 2.71
CA ALA A 50 15.62 -9.44 1.69
C ALA A 50 14.24 -9.55 2.34
N ILE A 51 14.07 -10.47 3.32
CA ILE A 51 12.85 -10.84 4.02
C ILE A 51 12.21 -9.72 4.86
N ASP A 52 13.00 -8.76 5.41
CA ASP A 52 12.43 -7.68 6.24
C ASP A 52 11.41 -6.82 5.49
N GLU A 53 11.55 -6.79 4.19
CA GLU A 53 10.69 -6.13 3.22
C GLU A 53 9.41 -6.91 2.95
N ALA A 54 9.34 -8.17 3.42
CA ALA A 54 8.21 -9.06 3.23
C ALA A 54 7.00 -8.65 4.04
N LEU A 55 7.14 -8.35 5.36
CA LEU A 55 6.00 -7.98 6.23
C LEU A 55 5.10 -6.88 5.62
N ALA A 56 5.67 -5.88 4.89
CA ALA A 56 4.83 -4.82 4.30
C ALA A 56 4.31 -5.17 2.89
N GLY A 57 4.63 -6.39 2.44
CA GLY A 57 4.17 -6.92 1.17
C GLY A 57 5.02 -6.64 -0.05
N HIS A 58 6.21 -6.05 0.12
CA HIS A 58 7.14 -5.73 -0.99
C HIS A 58 7.83 -6.95 -1.57
N CYS A 59 8.52 -7.73 -0.71
CA CYS A 59 9.20 -8.96 -1.10
C CYS A 59 8.26 -10.13 -0.96
N LYS A 60 8.13 -10.93 -2.03
CA LYS A 60 7.24 -12.09 -2.01
CA LYS A 60 7.24 -12.10 -2.04
C LYS A 60 8.01 -13.40 -2.24
N GLU A 61 9.19 -13.32 -2.90
CA GLU A 61 10.04 -14.48 -3.20
C GLU A 61 11.50 -14.20 -3.13
N ILE A 62 12.20 -15.02 -2.36
CA ILE A 62 13.65 -15.02 -2.18
C ILE A 62 14.21 -16.34 -2.72
N ILE A 63 15.27 -16.25 -3.54
CA ILE A 63 15.98 -17.40 -4.15
C ILE A 63 17.42 -17.31 -3.72
N VAL A 64 17.87 -18.37 -3.03
CA VAL A 64 19.22 -18.52 -2.49
C VAL A 64 19.87 -19.60 -3.33
N THR A 65 21.04 -19.28 -3.87
CA THR A 65 21.74 -20.20 -4.74
C THR A 65 23.13 -20.35 -4.26
N ILE A 66 23.59 -21.61 -4.12
CA ILE A 66 25.01 -21.91 -3.84
C ILE A 66 25.66 -22.11 -5.20
N HIS A 67 26.65 -21.30 -5.55
CA HIS A 67 27.32 -21.48 -6.86
C HIS A 67 28.48 -22.44 -6.79
N ALA A 68 28.92 -22.96 -7.94
CA ALA A 68 30.03 -23.90 -8.03
C ALA A 68 31.36 -23.34 -7.49
N ASP A 69 31.55 -22.00 -7.58
CA ASP A 69 32.74 -21.26 -7.14
C ASP A 69 32.76 -20.82 -5.64
N ASN A 70 31.88 -21.42 -4.80
CA ASN A 70 31.75 -21.19 -3.35
C ASN A 70 31.27 -19.77 -3.04
N SER A 71 30.48 -19.21 -3.97
CA SER A 71 29.80 -17.94 -3.79
C SER A 71 28.34 -18.26 -3.57
N VAL A 72 27.59 -17.37 -2.95
CA VAL A 72 26.16 -17.57 -2.73
C VAL A 72 25.47 -16.34 -3.27
N SER A 73 24.40 -16.53 -4.05
CA SER A 73 23.64 -15.36 -4.47
C SER A 73 22.29 -15.42 -3.75
N VAL A 74 21.70 -14.26 -3.48
CA VAL A 74 20.39 -14.09 -2.85
C VAL A 74 19.63 -13.12 -3.77
N GLN A 75 18.53 -13.57 -4.40
CA GLN A 75 17.70 -12.77 -5.29
C GLN A 75 16.33 -12.56 -4.66
N ASP A 76 15.79 -11.33 -4.70
CA ASP A 76 14.43 -11.05 -4.23
C ASP A 76 13.62 -10.34 -5.32
N ASP A 77 12.33 -10.11 -5.07
CA ASP A 77 11.40 -9.41 -5.97
C ASP A 77 10.80 -8.19 -5.21
N GLY A 78 11.64 -7.56 -4.38
CA GLY A 78 11.28 -6.38 -3.61
C GLY A 78 11.25 -5.13 -4.45
N ARG A 79 11.27 -3.96 -3.83
CA ARG A 79 11.23 -2.73 -4.64
C ARG A 79 12.55 -2.46 -5.39
N GLY A 80 13.65 -3.01 -4.87
CA GLY A 80 15.00 -2.82 -5.36
C GLY A 80 15.64 -1.77 -4.47
N ILE A 81 16.95 -1.93 -4.11
CA ILE A 81 17.63 -0.96 -3.24
C ILE A 81 17.67 0.41 -3.91
N PRO A 82 17.31 1.55 -3.24
CA PRO A 82 17.35 2.87 -3.90
C PRO A 82 18.64 3.12 -4.70
N THR A 83 18.49 3.74 -5.88
CA THR A 83 19.58 3.96 -6.83
C THR A 83 19.99 5.43 -6.95
N GLY A 84 19.12 6.33 -6.48
CA GLY A 84 19.37 7.77 -6.53
C GLY A 84 20.59 8.21 -5.75
N ILE A 85 21.39 9.08 -6.38
CA ILE A 85 22.61 9.66 -5.81
C ILE A 85 22.27 10.40 -4.54
N HIS A 86 22.94 10.04 -3.44
CA HIS A 86 22.79 10.69 -2.15
C HIS A 86 23.45 12.08 -2.32
N PRO A 87 22.73 13.22 -2.08
CA PRO A 87 23.37 14.54 -2.31
C PRO A 87 24.60 14.82 -1.45
N GLU A 88 24.66 14.23 -0.25
CA GLU A 88 25.77 14.45 0.67
C GLU A 88 26.98 13.59 0.32
N GLU A 89 26.76 12.28 0.11
CA GLU A 89 27.82 11.32 -0.20
C GLU A 89 28.24 11.36 -1.67
N GLY A 90 27.35 11.80 -2.55
CA GLY A 90 27.60 11.91 -3.98
C GLY A 90 27.68 10.61 -4.76
N VAL A 91 27.25 9.49 -4.15
CA VAL A 91 27.22 8.15 -4.77
C VAL A 91 25.81 7.61 -4.56
N SER A 92 25.40 6.60 -5.37
CA SER A 92 24.08 5.99 -5.32
C SER A 92 23.68 5.60 -3.89
N ALA A 93 22.37 5.66 -3.57
CA ALA A 93 21.89 5.27 -2.25
C ALA A 93 22.29 3.82 -1.94
N ALA A 94 22.27 2.91 -2.94
CA ALA A 94 22.69 1.51 -2.72
C ALA A 94 24.18 1.44 -2.32
N GLU A 95 25.04 2.27 -2.92
CA GLU A 95 26.47 2.29 -2.61
C GLU A 95 26.74 2.79 -1.19
N VAL A 96 25.98 3.79 -0.74
CA VAL A 96 26.08 4.38 0.60
C VAL A 96 25.81 3.28 1.60
N ILE A 97 24.76 2.47 1.35
CA ILE A 97 24.35 1.34 2.19
C ILE A 97 25.46 0.26 2.25
N MET A 98 26.01 -0.09 1.10
CA MET A 98 27.09 -1.10 1.00
C MET A 98 28.42 -0.74 1.64
N THR A 99 28.74 0.58 1.76
CA THR A 99 30.07 1.02 2.18
C THR A 99 30.11 1.72 3.51
N VAL A 100 28.95 2.19 3.96
CA VAL A 100 28.89 2.92 5.23
C VAL A 100 28.23 1.94 6.14
N LEU A 101 29.04 1.38 7.05
CA LEU A 101 28.70 0.33 7.98
C LEU A 101 27.23 0.32 8.41
N HIS A 102 26.79 1.36 9.09
CA HIS A 102 25.43 1.42 9.62
C HIS A 102 24.42 2.22 8.79
N ALA A 103 24.77 2.62 7.53
CA ALA A 103 23.83 3.39 6.67
C ALA A 103 22.48 2.72 6.45
N GLY A 104 22.50 1.41 6.12
CA GLY A 104 21.31 0.60 5.89
C GLY A 104 20.27 0.65 7.01
N GLY A 105 20.69 0.23 8.20
CA GLY A 105 19.86 0.23 9.41
C GLY A 105 19.28 1.59 9.74
N LYS A 106 20.05 2.67 9.52
CA LYS A 106 19.63 4.05 9.74
C LYS A 106 18.65 4.53 8.67
N PHE A 107 18.92 4.22 7.38
CA PHE A 107 18.03 4.62 6.28
C PHE A 107 16.67 3.95 6.35
N ASP A 108 16.62 2.69 6.80
CA ASP A 108 15.38 1.93 6.87
C ASP A 108 14.43 2.35 8.02
N ASP A 109 13.20 2.76 7.67
CA ASP A 109 12.18 3.19 8.65
C ASP A 109 11.54 2.02 9.39
N ASN A 110 11.52 0.83 8.76
CA ASN A 110 10.91 -0.40 9.26
C ASN A 110 11.35 -0.75 10.70
N SER A 111 10.42 -0.52 11.64
CA SER A 111 10.53 -0.78 13.07
C SER A 111 10.73 -2.25 13.42
N TYR A 112 10.38 -3.18 12.49
CA TYR A 112 10.48 -4.63 12.70
C TYR A 112 11.87 -5.21 12.33
N LYS A 113 12.70 -4.43 11.57
CA LYS A 113 14.08 -4.77 11.22
C LYS A 113 14.90 -4.62 12.52
N VAL A 114 15.67 -5.67 12.90
CA VAL A 114 16.49 -5.64 14.12
C VAL A 114 17.95 -5.53 13.64
N SER A 115 18.40 -4.27 13.54
CA SER A 115 19.73 -3.88 13.09
CA SER A 115 19.74 -3.90 13.09
C SER A 115 20.44 -3.13 14.23
N GLY A 116 21.57 -3.69 14.69
CA GLY A 116 22.34 -3.08 15.78
C GLY A 116 23.73 -2.62 15.38
N GLY A 117 24.58 -2.38 16.38
CA GLY A 117 25.94 -1.94 16.17
C GLY A 117 26.87 -3.05 15.69
N LEU A 118 26.59 -4.29 16.11
CA LEU A 118 27.40 -5.46 15.76
C LEU A 118 26.58 -6.52 15.04
N HIS A 119 25.41 -6.92 15.60
CA HIS A 119 24.58 -7.94 14.98
C HIS A 119 23.46 -7.34 14.13
N GLY A 120 23.14 -8.04 13.04
CA GLY A 120 22.13 -7.67 12.06
C GLY A 120 22.41 -6.39 11.30
N VAL A 121 23.69 -6.08 11.08
CA VAL A 121 24.15 -4.85 10.39
C VAL A 121 23.79 -4.91 8.86
N GLY A 122 23.70 -6.14 8.32
CA GLY A 122 23.28 -6.38 6.96
C GLY A 122 24.40 -6.54 5.94
N VAL A 123 24.09 -6.23 4.68
CA VAL A 123 24.96 -6.38 3.51
C VAL A 123 26.32 -5.68 3.62
N SER A 124 26.45 -4.59 4.40
CA SER A 124 27.73 -3.88 4.56
C SER A 124 28.76 -4.81 5.24
N VAL A 125 28.32 -5.57 6.24
CA VAL A 125 29.18 -6.54 6.92
C VAL A 125 29.58 -7.61 5.90
N VAL A 126 28.59 -8.15 5.16
CA VAL A 126 28.82 -9.16 4.12
C VAL A 126 29.82 -8.61 3.08
N ASN A 127 29.64 -7.36 2.68
CA ASN A 127 30.51 -6.69 1.74
C ASN A 127 31.98 -6.62 2.22
N ALA A 128 32.23 -6.22 3.50
CA ALA A 128 33.56 -6.11 4.12
C ALA A 128 34.37 -7.40 4.12
N LEU A 129 33.73 -8.52 4.45
CA LEU A 129 34.38 -9.82 4.50
C LEU A 129 34.23 -10.58 3.18
N SER A 130 33.77 -9.91 2.09
CA SER A 130 33.64 -10.55 0.78
C SER A 130 34.77 -10.07 -0.13
N GLN A 131 35.59 -11.00 -0.69
CA GLN A 131 36.68 -10.65 -1.63
C GLN A 131 36.13 -10.03 -2.93
N LYS A 132 34.91 -10.38 -3.29
CA LYS A 132 34.15 -9.82 -4.40
C LYS A 132 32.65 -9.85 -4.01
N LEU A 133 31.89 -8.81 -4.43
CA LEU A 133 30.44 -8.71 -4.26
C LEU A 133 29.84 -8.12 -5.54
N GLU A 134 28.82 -8.78 -6.12
CA GLU A 134 28.05 -8.32 -7.27
C GLU A 134 26.62 -7.93 -6.81
N LEU A 135 26.23 -6.68 -7.06
CA LEU A 135 24.92 -6.12 -6.75
C LEU A 135 24.15 -5.82 -8.09
N VAL A 136 22.95 -6.37 -8.23
CA VAL A 136 22.11 -6.18 -9.41
C VAL A 136 20.74 -5.70 -8.91
N ILE A 137 20.35 -4.49 -9.33
CA ILE A 137 19.08 -3.89 -8.93
C ILE A 137 18.18 -3.56 -10.15
N GLN A 138 16.98 -4.12 -10.15
CA GLN A 138 15.92 -3.95 -11.11
C GLN A 138 14.98 -3.00 -10.38
N ARG A 139 14.82 -1.79 -10.90
CA ARG A 139 14.05 -0.73 -10.24
C ARG A 139 13.78 0.33 -11.29
N GLU A 140 12.57 0.93 -11.25
CA GLU A 140 12.08 1.97 -12.16
C GLU A 140 12.28 1.61 -13.66
N GLY A 141 12.07 0.33 -13.98
CA GLY A 141 12.21 -0.19 -15.34
C GLY A 141 13.62 -0.27 -15.89
N LYS A 142 14.65 -0.13 -15.01
CA LYS A 142 16.08 -0.16 -15.35
C LYS A 142 16.83 -1.21 -14.53
N ILE A 143 17.85 -1.86 -15.15
CA ILE A 143 18.75 -2.82 -14.49
C ILE A 143 20.04 -2.08 -14.14
N HIS A 144 20.40 -2.05 -12.85
CA HIS A 144 21.58 -1.40 -12.33
C HIS A 144 22.58 -2.45 -11.82
N ARG A 145 23.85 -2.37 -12.27
CA ARG A 145 24.88 -3.32 -11.82
C ARG A 145 26.08 -2.64 -11.11
N GLN A 146 26.60 -3.27 -10.05
CA GLN A 146 27.80 -2.84 -9.30
C GLN A 146 28.63 -4.03 -8.83
N ILE A 147 29.98 -3.88 -8.81
CA ILE A 147 30.96 -4.85 -8.35
C ILE A 147 31.78 -4.20 -7.23
N TYR A 148 32.07 -4.99 -6.20
CA TYR A 148 32.82 -4.62 -5.00
C TYR A 148 33.92 -5.66 -4.81
N GLU A 149 35.03 -5.22 -4.27
CA GLU A 149 36.23 -6.01 -3.98
C GLU A 149 36.72 -5.55 -2.63
N HIS A 150 36.52 -6.43 -1.63
CA HIS A 150 36.86 -6.20 -0.22
C HIS A 150 36.15 -4.94 0.31
N GLY A 151 34.98 -4.66 -0.28
CA GLY A 151 34.11 -3.55 0.07
C GLY A 151 34.30 -2.30 -0.73
N VAL A 152 35.25 -2.31 -1.67
CA VAL A 152 35.60 -1.16 -2.49
C VAL A 152 34.92 -1.24 -3.88
N PRO A 153 33.96 -0.31 -4.20
CA PRO A 153 33.28 -0.38 -5.51
C PRO A 153 34.26 -0.25 -6.67
N GLN A 154 34.04 -1.01 -7.75
CA GLN A 154 34.93 -0.95 -8.90
C GLN A 154 34.61 0.22 -9.80
N ALA A 155 33.33 0.65 -9.79
CA ALA A 155 32.82 1.76 -10.58
C ALA A 155 31.45 2.12 -9.98
N PRO A 156 30.87 3.32 -10.26
CA PRO A 156 29.55 3.63 -9.67
C PRO A 156 28.47 2.70 -10.20
N LEU A 157 27.39 2.51 -9.43
CA LEU A 157 26.23 1.71 -9.81
C LEU A 157 25.77 2.26 -11.16
N ALA A 158 25.69 1.37 -12.16
CA ALA A 158 25.38 1.84 -13.50
C ALA A 158 24.25 1.07 -14.11
N VAL A 159 23.48 1.75 -14.97
CA VAL A 159 22.36 1.17 -15.72
C VAL A 159 22.99 0.36 -16.87
N THR A 160 22.62 -0.94 -16.95
CA THR A 160 23.11 -1.92 -17.94
C THR A 160 22.02 -2.42 -18.89
N GLY A 161 20.76 -2.20 -18.53
CA GLY A 161 19.62 -2.65 -19.31
C GLY A 161 18.29 -2.14 -18.82
N GLU A 162 17.21 -2.77 -19.31
CA GLU A 162 15.82 -2.46 -19.01
C GLU A 162 15.08 -3.71 -18.53
N THR A 163 14.10 -3.52 -17.62
CA THR A 163 13.36 -4.63 -17.00
C THR A 163 11.89 -4.29 -16.64
N GLU A 164 11.05 -5.33 -16.57
CA GLU A 164 9.63 -5.24 -16.23
C GLU A 164 9.44 -5.56 -14.74
N LYS A 165 10.43 -6.23 -14.16
CA LYS A 165 10.47 -6.66 -12.77
C LYS A 165 11.22 -5.67 -11.87
N THR A 166 10.99 -5.78 -10.55
CA THR A 166 11.70 -5.01 -9.52
C THR A 166 12.36 -6.07 -8.65
N GLY A 167 13.34 -5.66 -7.85
CA GLY A 167 14.04 -6.56 -6.95
C GLY A 167 15.52 -6.35 -6.90
N THR A 168 16.17 -6.97 -5.91
CA THR A 168 17.60 -6.92 -5.67
C THR A 168 18.22 -8.31 -5.70
N MET A 169 19.45 -8.38 -6.21
CA MET A 169 20.28 -9.57 -6.24
C MET A 169 21.67 -9.16 -5.71
N VAL A 170 22.18 -9.83 -4.64
CA VAL A 170 23.53 -9.71 -4.10
C VAL A 170 24.22 -11.09 -4.18
N ARG A 171 25.29 -11.20 -4.95
CA ARG A 171 26.12 -12.40 -5.04
C ARG A 171 27.42 -12.04 -4.33
N PHE A 172 27.87 -12.89 -3.38
CA PHE A 172 29.09 -12.64 -2.62
C PHE A 172 30.04 -13.83 -2.57
N TRP A 173 31.35 -13.55 -2.66
CA TRP A 173 32.43 -14.53 -2.61
C TRP A 173 33.19 -14.30 -1.29
N PRO A 174 33.04 -15.15 -0.23
CA PRO A 174 33.74 -14.85 1.03
C PRO A 174 35.27 -14.78 0.90
N SER A 175 35.85 -13.75 1.53
CA SER A 175 37.28 -13.51 1.57
C SER A 175 37.94 -14.71 2.23
N LEU A 176 39.08 -15.16 1.67
CA LEU A 176 39.82 -16.31 2.20
C LEU A 176 40.88 -15.89 3.19
N GLU A 177 41.00 -14.56 3.38
CA GLU A 177 41.90 -13.92 4.34
C GLU A 177 41.16 -13.75 5.66
N THR A 178 39.81 -13.93 5.65
CA THR A 178 38.93 -13.85 6.82
C THR A 178 38.50 -15.27 7.25
N PHE A 179 37.86 -15.98 6.34
CA PHE A 179 37.32 -17.33 6.51
C PHE A 179 38.35 -18.44 6.26
N THR A 180 38.69 -19.19 7.32
CA THR A 180 39.66 -20.29 7.34
C THR A 180 38.95 -21.63 7.72
N ASN A 181 39.62 -22.79 7.50
CA ASN A 181 39.15 -24.16 7.79
C ASN A 181 37.89 -24.58 6.98
N VAL A 182 36.75 -23.93 7.23
CA VAL A 182 35.47 -24.15 6.55
C VAL A 182 35.24 -22.95 5.61
N THR A 183 35.35 -23.18 4.30
CA THR A 183 35.18 -22.17 3.25
C THR A 183 34.07 -22.57 2.26
N GLU A 184 33.44 -23.73 2.48
CA GLU A 184 32.37 -24.21 1.60
C GLU A 184 31.02 -24.28 2.30
N PHE A 185 29.98 -23.85 1.60
CA PHE A 185 28.63 -23.82 2.13
C PHE A 185 28.04 -25.21 2.20
N GLU A 186 27.42 -25.49 3.35
CA GLU A 186 26.77 -26.75 3.64
C GLU A 186 25.34 -26.44 3.33
N TYR A 187 24.77 -27.21 2.38
CA TYR A 187 23.41 -27.08 1.89
C TYR A 187 22.43 -27.17 3.06
N GLU A 188 22.64 -28.14 3.94
CA GLU A 188 21.78 -28.46 5.07
C GLU A 188 21.67 -27.30 6.07
N ILE A 189 22.77 -26.54 6.31
CA ILE A 189 22.77 -25.41 7.21
C ILE A 189 21.85 -24.32 6.66
N LEU A 190 22.01 -24.00 5.38
CA LEU A 190 21.15 -23.05 4.68
C LEU A 190 19.67 -23.49 4.69
N ALA A 191 19.36 -24.74 4.21
CA ALA A 191 18.01 -25.32 4.09
C ALA A 191 17.17 -25.29 5.39
N LYS A 192 17.76 -25.70 6.53
CA LYS A 192 17.11 -25.73 7.84
C LYS A 192 16.64 -24.32 8.32
N ARG A 193 17.51 -23.30 8.16
CA ARG A 193 17.18 -21.93 8.52
C ARG A 193 16.22 -21.29 7.51
N LEU A 194 16.40 -21.55 6.20
CA LEU A 194 15.49 -21.05 5.15
C LEU A 194 14.08 -21.61 5.29
N ARG A 195 13.94 -22.88 5.71
CA ARG A 195 12.63 -23.49 5.93
C ARG A 195 11.94 -22.82 7.11
N GLU A 196 12.65 -22.69 8.24
CA GLU A 196 12.22 -22.02 9.48
C GLU A 196 11.73 -20.61 9.19
N LEU A 197 12.48 -19.85 8.40
CA LEU A 197 12.14 -18.51 7.97
C LEU A 197 10.82 -18.46 7.20
N SER A 198 10.52 -19.52 6.38
CA SER A 198 9.28 -19.60 5.62
C SER A 198 8.11 -20.05 6.49
N PHE A 199 8.39 -20.84 7.55
CA PHE A 199 7.43 -21.26 8.60
C PHE A 199 6.97 -20.02 9.39
N LEU A 200 7.92 -19.12 9.68
CA LEU A 200 7.71 -17.91 10.49
C LEU A 200 7.19 -16.71 9.71
N ASN A 201 7.15 -16.80 8.37
CA ASN A 201 6.67 -15.72 7.50
C ASN A 201 5.87 -16.36 6.43
N SER A 202 4.62 -16.75 6.78
CA SER A 202 3.65 -17.41 5.92
C SER A 202 3.38 -16.57 4.68
N GLY A 203 3.27 -17.26 3.55
CA GLY A 203 3.02 -16.68 2.25
C GLY A 203 4.29 -16.32 1.53
N VAL A 204 5.43 -16.32 2.25
CA VAL A 204 6.73 -16.01 1.65
C VAL A 204 7.32 -17.27 1.06
N SER A 205 7.74 -17.14 -0.21
CA SER A 205 8.35 -18.17 -1.00
C SER A 205 9.86 -18.06 -0.90
N ILE A 206 10.52 -19.13 -0.44
CA ILE A 206 11.98 -19.15 -0.30
C ILE A 206 12.50 -20.38 -1.01
N ARG A 207 13.37 -20.18 -2.00
CA ARG A 207 13.94 -21.28 -2.75
C ARG A 207 15.41 -21.41 -2.46
N LEU A 208 15.87 -22.65 -2.39
CA LEU A 208 17.28 -22.92 -2.19
C LEU A 208 17.77 -23.76 -3.35
N ARG A 209 18.80 -23.30 -4.04
CA ARG A 209 19.37 -24.01 -5.18
C ARG A 209 20.85 -24.30 -4.96
N ASP A 210 21.34 -25.46 -5.41
CA ASP A 210 22.78 -25.80 -5.33
C ASP A 210 23.34 -26.06 -6.76
N LYS A 211 24.23 -25.20 -7.27
CA LYS A 211 24.79 -25.38 -8.62
C LYS A 211 25.88 -26.46 -8.68
N ARG A 212 26.36 -26.91 -7.51
CA ARG A 212 27.38 -27.96 -7.49
C ARG A 212 26.79 -29.32 -7.85
N ASP A 213 25.55 -29.64 -7.37
CA ASP A 213 24.88 -30.95 -7.66
C ASP A 213 23.44 -30.86 -8.26
N GLY A 214 22.87 -29.66 -8.36
CA GLY A 214 21.53 -29.47 -8.91
C GLY A 214 20.43 -29.62 -7.88
N LYS A 215 20.81 -29.76 -6.59
CA LYS A 215 19.87 -29.89 -5.48
C LYS A 215 19.07 -28.62 -5.32
N GLU A 216 17.77 -28.75 -5.03
CA GLU A 216 16.93 -27.59 -4.78
C GLU A 216 15.73 -27.92 -3.88
N ASP A 217 15.24 -26.88 -3.22
CA ASP A 217 14.10 -26.95 -2.33
C ASP A 217 13.30 -25.70 -2.49
N HIS A 218 12.04 -25.79 -2.16
CA HIS A 218 11.13 -24.66 -2.21
C HIS A 218 10.32 -24.67 -0.92
N PHE A 219 10.47 -23.59 -0.12
CA PHE A 219 9.77 -23.46 1.14
C PHE A 219 8.73 -22.35 0.99
N HIS A 220 7.46 -22.74 1.04
CA HIS A 220 6.31 -21.87 0.95
C HIS A 220 5.15 -22.46 1.72
N TYR A 221 4.68 -21.74 2.74
CA TYR A 221 3.55 -22.17 3.57
C TYR A 221 2.48 -21.10 3.65
N GLU A 222 1.24 -21.50 3.62
CA GLU A 222 0.14 -20.55 3.75
C GLU A 222 -0.18 -20.43 5.22
N GLY A 223 0.13 -21.49 5.95
CA GLY A 223 -0.02 -21.61 7.39
C GLY A 223 1.25 -22.21 7.96
N GLY A 224 2.30 -21.40 7.95
CA GLY A 224 3.63 -21.77 8.40
C GLY A 224 3.78 -22.17 9.85
N ILE A 225 3.00 -21.55 10.75
CA ILE A 225 3.07 -21.85 12.19
C ILE A 225 2.58 -23.25 12.46
N LYS A 226 1.45 -23.67 11.84
CA LYS A 226 0.89 -25.03 11.90
C LYS A 226 1.89 -26.03 11.32
N ALA A 227 2.35 -25.80 10.05
CA ALA A 227 3.36 -26.57 9.35
C ALA A 227 4.65 -26.82 10.16
N PHE A 228 5.09 -25.80 10.92
CA PHE A 228 6.27 -25.82 11.81
C PHE A 228 6.11 -26.91 12.89
N VAL A 229 4.94 -26.97 13.58
CA VAL A 229 4.61 -27.99 14.59
C VAL A 229 4.43 -29.39 13.94
N GLU A 230 3.89 -29.47 12.70
CA GLU A 230 3.79 -30.75 11.96
C GLU A 230 5.20 -31.27 11.62
N TYR A 231 6.18 -30.36 11.39
CA TYR A 231 7.56 -30.76 11.13
C TYR A 231 8.21 -31.26 12.44
N LEU A 232 7.97 -30.55 13.55
CA LEU A 232 8.53 -30.91 14.85
C LEU A 232 7.98 -32.24 15.37
N ASN A 233 6.77 -32.61 14.96
CA ASN A 233 6.11 -33.83 15.39
C ASN A 233 6.09 -34.95 14.38
N LYS A 234 6.81 -34.82 13.24
CA LYS A 234 6.80 -35.82 12.17
C LYS A 234 7.44 -37.16 12.59
N ASN A 235 8.44 -37.13 13.52
CA ASN A 235 9.08 -38.38 13.99
C ASN A 235 8.67 -38.68 15.44
N LYS A 236 7.53 -38.13 15.82
CA LYS A 236 6.92 -38.25 17.14
C LYS A 236 5.53 -38.80 16.94
N THR A 237 4.84 -39.07 18.05
CA THR A 237 3.50 -39.63 18.00
C THR A 237 2.54 -38.66 18.66
N PRO A 238 1.93 -37.76 17.87
CA PRO A 238 0.92 -36.83 18.43
C PRO A 238 -0.24 -37.60 19.07
N ILE A 239 -0.65 -37.23 20.30
CA ILE A 239 -1.75 -37.94 21.00
C ILE A 239 -3.14 -37.44 20.56
N HIS A 240 -3.24 -36.17 20.13
CA HIS A 240 -4.50 -35.55 19.69
C HIS A 240 -4.38 -35.13 18.22
N PRO A 241 -5.44 -35.29 17.39
CA PRO A 241 -5.29 -34.97 15.95
C PRO A 241 -5.13 -33.50 15.59
N ASN A 242 -5.79 -32.59 16.30
CA ASN A 242 -5.82 -31.18 15.93
C ASN A 242 -4.82 -30.29 16.68
N ILE A 243 -3.92 -29.68 15.90
CA ILE A 243 -2.92 -28.71 16.33
C ILE A 243 -3.63 -27.41 16.71
N PHE A 244 -3.31 -26.85 17.88
CA PHE A 244 -3.92 -25.57 18.23
C PHE A 244 -3.01 -24.54 17.69
N TYR A 245 -3.53 -23.67 16.80
CA TYR A 245 -2.78 -22.57 16.21
C TYR A 245 -3.61 -21.30 16.00
N PHE A 246 -2.91 -20.17 15.82
CA PHE A 246 -3.53 -18.88 15.56
C PHE A 246 -2.51 -17.95 14.99
N SER A 247 -2.97 -16.95 14.26
CA SER A 247 -2.11 -15.94 13.68
C SER A 247 -2.89 -14.67 13.77
N THR A 248 -2.53 -13.81 14.73
CA THR A 248 -3.28 -12.57 15.00
C THR A 248 -2.37 -11.37 15.00
N GLU A 249 -2.95 -10.19 14.76
CA GLU A 249 -2.26 -8.91 14.74
C GLU A 249 -3.10 -7.95 15.55
N LYS A 250 -2.50 -7.37 16.59
CA LYS A 250 -3.16 -6.39 17.47
C LYS A 250 -2.12 -5.37 17.96
N ASP A 251 -2.36 -4.08 17.71
CA ASP A 251 -1.50 -2.95 18.12
C ASP A 251 -0.06 -3.05 17.57
N GLY A 252 0.07 -3.58 16.34
CA GLY A 252 1.34 -3.75 15.66
C GLY A 252 2.13 -4.95 16.17
N ILE A 253 1.49 -5.82 16.96
CA ILE A 253 2.13 -7.01 17.48
C ILE A 253 1.45 -8.22 16.89
N GLY A 254 2.16 -8.92 16.00
CA GLY A 254 1.71 -10.16 15.40
C GLY A 254 2.12 -11.31 16.30
N VAL A 255 1.18 -12.20 16.60
CA VAL A 255 1.43 -13.38 17.46
C VAL A 255 0.99 -14.58 16.67
N GLU A 256 1.87 -15.56 16.59
CA GLU A 256 1.61 -16.86 15.98
C GLU A 256 2.03 -17.88 16.99
N VAL A 257 1.16 -18.85 17.20
CA VAL A 257 1.34 -19.93 18.15
C VAL A 257 0.72 -21.14 17.50
N ALA A 258 1.37 -22.32 17.65
CA ALA A 258 0.91 -23.65 17.23
C ALA A 258 1.48 -24.61 18.25
N LEU A 259 0.65 -25.51 18.73
CA LEU A 259 1.02 -26.50 19.73
C LEU A 259 0.28 -27.83 19.51
N GLN A 260 0.91 -28.90 19.98
CA GLN A 260 0.43 -30.25 19.88
C GLN A 260 1.22 -31.09 20.84
N TRP A 261 0.52 -31.90 21.66
CA TRP A 261 1.08 -32.88 22.58
C TRP A 261 1.42 -34.19 21.83
N ASN A 262 2.54 -34.82 22.24
CA ASN A 262 3.02 -36.11 21.76
C ASN A 262 3.02 -37.09 22.94
N ASP A 263 3.15 -38.41 22.66
CA ASP A 263 3.18 -39.47 23.68
C ASP A 263 4.43 -39.41 24.57
N GLY A 264 5.35 -38.51 24.23
CA GLY A 264 6.60 -38.24 24.93
C GLY A 264 6.44 -37.50 26.25
N PHE A 265 7.56 -37.31 26.95
CA PHE A 265 7.61 -36.73 28.28
C PHE A 265 8.54 -35.52 28.40
N GLN A 266 8.83 -34.85 27.26
CA GLN A 266 9.70 -33.66 27.19
C GLN A 266 8.89 -32.47 26.77
N GLU A 267 9.33 -31.29 27.18
CA GLU A 267 8.70 -30.04 26.80
C GLU A 267 9.62 -29.34 25.83
N ASN A 268 9.08 -28.84 24.69
CA ASN A 268 9.88 -28.16 23.65
C ASN A 268 9.09 -27.02 23.05
N ILE A 269 9.28 -25.81 23.61
CA ILE A 269 8.64 -24.56 23.19
C ILE A 269 9.69 -23.76 22.47
N TYR A 270 9.44 -23.43 21.22
CA TYR A 270 10.39 -22.69 20.41
C TYR A 270 9.90 -21.28 20.28
N CYS A 271 10.66 -20.35 20.84
CA CYS A 271 10.35 -18.93 20.92
C CYS A 271 11.17 -18.17 19.92
N PHE A 272 10.47 -17.29 19.19
CA PHE A 272 10.99 -16.41 18.15
C PHE A 272 10.37 -15.01 18.27
N THR A 273 11.18 -14.00 18.00
CA THR A 273 10.87 -12.55 17.97
C THR A 273 11.53 -12.05 16.71
N ASN A 274 10.72 -11.57 15.78
CA ASN A 274 11.13 -11.04 14.48
C ASN A 274 12.16 -11.96 13.83
N ASN A 275 11.81 -13.28 13.72
CA ASN A 275 12.60 -14.38 13.13
C ASN A 275 13.80 -14.82 13.97
N ILE A 276 14.20 -14.03 15.03
CA ILE A 276 15.34 -14.29 15.91
C ILE A 276 14.96 -15.32 17.00
N PRO A 277 15.65 -16.48 17.11
CA PRO A 277 15.30 -17.44 18.19
C PRO A 277 15.66 -16.98 19.58
N GLN A 278 14.82 -17.29 20.58
CA GLN A 278 15.13 -16.98 21.98
C GLN A 278 15.32 -18.26 22.74
N ARG A 279 16.57 -18.69 22.86
CA ARG A 279 17.03 -19.88 23.59
C ARG A 279 16.52 -19.88 25.03
N ASP A 280 16.62 -18.72 25.70
CA ASP A 280 16.26 -18.56 27.10
C ASP A 280 14.83 -18.00 27.34
N GLY A 281 14.03 -17.89 26.29
CA GLY A 281 12.63 -17.46 26.42
C GLY A 281 12.42 -15.97 26.52
N GLY A 282 11.60 -15.57 27.46
CA GLY A 282 11.28 -14.17 27.66
C GLY A 282 9.82 -13.95 27.94
N THR A 283 9.34 -12.72 27.65
CA THR A 283 7.96 -12.28 27.89
C THR A 283 6.92 -13.03 27.04
N HIS A 284 7.29 -13.43 25.82
CA HIS A 284 6.42 -14.21 24.92
C HIS A 284 6.17 -15.62 25.46
N LEU A 285 7.23 -16.26 26.02
CA LEU A 285 7.15 -17.57 26.66
C LEU A 285 6.27 -17.48 27.90
N ALA A 286 6.55 -16.49 28.75
CA ALA A 286 5.87 -16.20 30.00
C ALA A 286 4.36 -15.94 29.79
N GLY A 287 4.01 -15.19 28.73
CA GLY A 287 2.62 -14.91 28.36
C GLY A 287 1.96 -16.17 27.88
N PHE A 288 2.69 -16.97 27.08
CA PHE A 288 2.22 -18.27 26.60
C PHE A 288 1.93 -19.23 27.74
N ARG A 289 2.85 -19.31 28.75
CA ARG A 289 2.74 -20.20 29.92
C ARG A 289 1.61 -19.84 30.80
N ALA A 290 1.48 -18.55 31.15
CA ALA A 290 0.42 -17.99 31.98
C ALA A 290 -0.95 -18.24 31.35
N ALA A 291 -1.08 -18.09 30.01
CA ALA A 291 -2.32 -18.35 29.29
C ALA A 291 -2.69 -19.81 29.32
N MET A 292 -1.70 -20.72 29.15
CA MET A 292 -1.98 -22.15 29.17
CA MET A 292 -1.93 -22.17 29.17
C MET A 292 -2.37 -22.66 30.55
N THR A 293 -1.70 -22.18 31.61
CA THR A 293 -2.02 -22.56 32.98
C THR A 293 -3.44 -22.06 33.30
N ARG A 294 -3.76 -20.76 33.02
CA ARG A 294 -5.10 -20.19 33.27
CA ARG A 294 -5.09 -20.20 33.27
C ARG A 294 -6.17 -20.93 32.48
N THR A 295 -5.94 -21.20 31.19
CA THR A 295 -6.91 -21.88 30.32
C THR A 295 -7.12 -23.34 30.73
N LEU A 296 -6.05 -24.13 30.91
CA LEU A 296 -6.20 -25.54 31.30
C LEU A 296 -6.78 -25.70 32.70
N ASN A 297 -6.45 -24.77 33.62
CA ASN A 297 -6.99 -24.78 34.98
C ASN A 297 -8.45 -24.42 34.96
N ALA A 298 -8.85 -23.52 34.04
CA ALA A 298 -10.25 -23.09 33.86
C ALA A 298 -11.07 -24.24 33.32
N TYR A 299 -10.55 -24.96 32.31
CA TYR A 299 -11.20 -26.13 31.69
C TYR A 299 -11.33 -27.28 32.67
N MET A 300 -10.31 -27.52 33.50
CA MET A 300 -10.34 -28.64 34.44
C MET A 300 -11.29 -28.35 35.61
N ASP A 301 -11.37 -27.08 36.07
CA ASP A 301 -12.27 -26.60 37.11
C ASP A 301 -13.73 -26.87 36.66
N LYS A 302 -14.15 -26.24 35.54
CA LYS A 302 -15.47 -26.30 34.91
C LYS A 302 -15.89 -27.71 34.49
N GLU A 303 -14.95 -28.55 34.04
CA GLU A 303 -15.26 -29.90 33.59
C GLU A 303 -15.17 -30.99 34.68
N GLY A 304 -14.89 -30.57 35.92
CA GLY A 304 -14.87 -31.44 37.09
C GLY A 304 -13.61 -32.18 37.50
N TYR A 305 -12.46 -31.91 36.83
CA TYR A 305 -11.17 -32.53 37.18
C TYR A 305 -10.61 -31.84 38.43
N SER A 306 -10.64 -32.56 39.59
CA SER A 306 -10.26 -32.12 40.93
C SER A 306 -8.81 -31.63 41.08
N LYS A 307 -8.62 -30.56 41.90
CA LYS A 307 -7.33 -29.92 42.19
C LYS A 307 -6.42 -30.77 43.09
N ALA A 318 6.56 -26.54 33.17
CA ALA A 318 6.90 -27.51 32.12
C ALA A 318 5.90 -28.69 32.01
N ARG A 319 5.37 -28.92 30.80
CA ARG A 319 4.36 -29.96 30.47
C ARG A 319 4.89 -31.04 29.54
N GLU A 320 4.92 -32.27 30.06
CA GLU A 320 5.38 -33.48 29.37
C GLU A 320 4.65 -33.67 28.05
N GLY A 321 5.40 -33.88 26.97
CA GLY A 321 4.83 -34.10 25.65
C GLY A 321 4.48 -32.87 24.85
N LEU A 322 4.69 -31.66 25.41
CA LEU A 322 4.35 -30.46 24.67
C LEU A 322 5.41 -30.10 23.65
N ILE A 323 4.97 -29.78 22.42
CA ILE A 323 5.72 -29.22 21.29
C ILE A 323 4.93 -27.97 20.91
N ALA A 324 5.58 -26.79 20.99
CA ALA A 324 4.97 -25.49 20.70
C ALA A 324 5.97 -24.59 20.01
N VAL A 325 5.46 -23.61 19.21
CA VAL A 325 6.17 -22.49 18.58
C VAL A 325 5.43 -21.22 18.98
N VAL A 326 6.17 -20.22 19.48
CA VAL A 326 5.63 -18.92 19.87
C VAL A 326 6.49 -17.97 19.08
N SER A 327 5.94 -17.37 18.02
CA SER A 327 6.64 -16.45 17.11
C SER A 327 5.97 -15.07 17.07
N VAL A 328 6.70 -14.02 17.52
CA VAL A 328 6.13 -12.68 17.55
C VAL A 328 6.83 -11.74 16.58
N LYS A 329 6.03 -10.80 16.05
CA LYS A 329 6.54 -9.72 15.24
C LYS A 329 6.18 -8.52 16.03
N VAL A 330 7.17 -7.92 16.66
CA VAL A 330 7.06 -6.74 17.51
C VAL A 330 7.96 -5.60 16.98
N PRO A 331 7.45 -4.36 16.88
CA PRO A 331 8.30 -3.26 16.42
C PRO A 331 9.33 -2.89 17.52
N ASP A 332 10.61 -2.69 17.13
CA ASP A 332 11.74 -2.36 18.02
C ASP A 332 11.81 -3.32 19.26
N PRO A 333 12.03 -4.66 19.11
CA PRO A 333 12.07 -5.52 20.32
C PRO A 333 13.22 -5.23 21.29
N LYS A 334 13.01 -5.54 22.58
CA LYS A 334 14.00 -5.34 23.64
CA LYS A 334 14.02 -5.36 23.63
C LYS A 334 14.46 -6.70 24.18
N PHE A 335 15.78 -6.92 24.29
CA PHE A 335 16.36 -8.19 24.76
C PHE A 335 17.22 -8.02 26.00
N SER A 336 17.38 -9.10 26.80
CA SER A 336 18.19 -9.09 28.03
C SER A 336 19.68 -8.82 27.75
N SER A 337 20.18 -9.11 26.52
CA SER A 337 21.57 -8.89 26.13
C SER A 337 21.79 -8.75 24.62
N GLN A 338 23.07 -8.77 24.23
CA GLN A 338 23.56 -8.66 22.86
C GLN A 338 23.26 -9.95 22.09
N THR A 339 23.10 -11.08 22.81
CA THR A 339 22.83 -12.43 22.29
C THR A 339 21.41 -12.55 21.75
N LYS A 340 20.45 -11.74 22.33
CA LYS A 340 19.02 -11.73 21.97
C LYS A 340 18.38 -13.12 22.25
N ASP A 341 18.77 -13.75 23.39
CA ASP A 341 18.29 -15.06 23.83
C ASP A 341 17.11 -14.94 24.81
N LYS A 342 16.88 -13.74 25.32
CA LYS A 342 15.75 -13.49 26.21
C LYS A 342 15.04 -12.22 25.81
N LEU A 343 13.75 -12.31 25.44
CA LEU A 343 12.94 -11.14 25.10
C LEU A 343 12.46 -10.52 26.38
N VAL A 344 12.65 -9.21 26.48
CA VAL A 344 12.39 -8.40 27.65
C VAL A 344 11.18 -7.43 27.42
N SER A 345 10.78 -7.21 26.11
CA SER A 345 9.65 -6.38 25.67
C SER A 345 8.42 -6.78 26.48
N SER A 346 8.11 -5.97 27.53
CA SER A 346 7.03 -6.20 28.49
C SER A 346 5.65 -6.36 27.83
N GLU A 347 5.34 -5.50 26.85
CA GLU A 347 4.08 -5.48 26.11
C GLU A 347 3.77 -6.80 25.36
N VAL A 348 4.79 -7.66 25.20
CA VAL A 348 4.66 -8.90 24.48
C VAL A 348 4.02 -10.01 25.39
N LYS A 349 4.14 -9.90 26.74
CA LYS A 349 3.51 -10.85 27.66
C LYS A 349 2.01 -10.77 27.44
N SER A 350 1.44 -9.58 27.63
CA SER A 350 0.02 -9.27 27.44
C SER A 350 -0.46 -9.63 26.01
N ALA A 351 0.31 -9.24 24.96
CA ALA A 351 -0.02 -9.49 23.58
C ALA A 351 -0.21 -10.97 23.24
N VAL A 352 0.58 -11.88 23.90
CA VAL A 352 0.54 -13.33 23.71
C VAL A 352 -0.50 -13.97 24.62
N GLU A 353 -0.45 -13.61 25.91
CA GLU A 353 -1.34 -14.11 26.96
C GLU A 353 -2.81 -13.85 26.64
N GLN A 354 -3.14 -12.64 26.16
CA GLN A 354 -4.50 -12.24 25.84
C GLN A 354 -5.09 -13.08 24.72
N GLN A 355 -4.39 -13.22 23.62
CA GLN A 355 -4.88 -13.95 22.45
C GLN A 355 -4.99 -15.45 22.72
N MET A 356 -3.97 -16.00 23.39
CA MET A 356 -3.99 -17.42 23.70
C MET A 356 -5.01 -17.78 24.79
N ASN A 357 -5.38 -16.82 25.69
CA ASN A 357 -6.42 -17.09 26.69
C ASN A 357 -7.76 -17.23 25.98
N GLU A 358 -8.06 -16.29 25.07
CA GLU A 358 -9.24 -16.27 24.23
C GLU A 358 -9.34 -17.48 23.32
N LEU A 359 -8.33 -17.70 22.46
CA LEU A 359 -8.39 -18.72 21.44
C LEU A 359 -8.14 -20.17 21.88
N LEU A 360 -7.37 -20.41 22.96
CA LEU A 360 -7.16 -21.79 23.43
C LEU A 360 -8.41 -22.25 24.19
N ALA A 361 -9.09 -21.31 24.88
CA ALA A 361 -10.35 -21.57 25.58
C ALA A 361 -11.37 -22.05 24.52
N GLU A 362 -11.46 -21.33 23.36
CA GLU A 362 -12.32 -21.67 22.22
C GLU A 362 -11.97 -23.04 21.63
N TYR A 363 -10.65 -23.34 21.47
CA TYR A 363 -10.14 -24.59 20.93
C TYR A 363 -10.55 -25.78 21.79
N LEU A 364 -10.41 -25.67 23.14
CA LEU A 364 -10.79 -26.77 24.05
C LEU A 364 -12.27 -27.13 23.91
N LEU A 365 -13.16 -26.14 23.83
CA LEU A 365 -14.60 -26.31 23.64
C LEU A 365 -14.96 -26.76 22.22
N GLU A 366 -14.27 -26.23 21.22
CA GLU A 366 -14.53 -26.58 19.82
C GLU A 366 -14.00 -27.98 19.45
N ASN A 367 -12.97 -28.49 20.16
CA ASN A 367 -12.40 -29.82 19.94
C ASN A 367 -12.39 -30.62 21.27
N PRO A 368 -13.58 -31.08 21.77
CA PRO A 368 -13.60 -31.79 23.07
C PRO A 368 -12.99 -33.19 23.02
N THR A 369 -12.77 -33.70 21.80
CA THR A 369 -12.15 -34.98 21.55
C THR A 369 -10.65 -34.82 21.86
N ASP A 370 -10.03 -33.72 21.39
CA ASP A 370 -8.63 -33.33 21.63
C ASP A 370 -8.42 -32.92 23.10
N ALA A 371 -9.32 -32.07 23.63
CA ALA A 371 -9.31 -31.57 25.01
C ALA A 371 -9.37 -32.70 26.04
N LYS A 372 -10.02 -33.82 25.71
CA LYS A 372 -10.16 -34.97 26.62
C LYS A 372 -8.83 -35.70 26.74
N ILE A 373 -8.17 -35.89 25.58
CA ILE A 373 -6.86 -36.56 25.40
C ILE A 373 -5.77 -35.80 26.18
N VAL A 374 -5.69 -34.47 25.96
CA VAL A 374 -4.74 -33.51 26.53
C VAL A 374 -4.84 -33.44 28.04
N VAL A 375 -6.07 -33.32 28.57
CA VAL A 375 -6.35 -33.26 30.01
C VAL A 375 -6.04 -34.62 30.64
N GLY A 376 -6.43 -35.70 29.94
CA GLY A 376 -6.13 -37.07 30.31
C GLY A 376 -4.65 -37.31 30.50
N LYS A 377 -3.78 -36.70 29.64
CA LYS A 377 -2.32 -36.77 29.69
C LYS A 377 -1.76 -36.00 30.88
N ILE A 378 -2.25 -34.75 31.09
CA ILE A 378 -1.87 -33.86 32.20
C ILE A 378 -2.17 -34.56 33.54
N ILE A 379 -3.36 -35.20 33.67
CA ILE A 379 -3.75 -35.83 34.93
C ILE A 379 -2.90 -37.11 35.17
N ASP A 380 -2.73 -37.98 34.14
CA ASP A 380 -1.94 -39.22 34.23
C ASP A 380 -0.48 -38.94 34.61
N ALA A 381 0.07 -37.81 34.13
CA ALA A 381 1.44 -37.36 34.42
C ALA A 381 1.54 -36.86 35.84
N ALA A 382 0.47 -36.24 36.37
CA ALA A 382 0.41 -35.75 37.76
C ALA A 382 0.31 -36.94 38.72
N ARG A 383 -0.44 -37.99 38.30
CA ARG A 383 -0.63 -39.25 39.03
C ARG A 383 0.69 -40.03 39.12
N ALA A 384 1.51 -39.97 38.06
CA ALA A 384 2.80 -40.67 37.97
C ALA A 384 3.93 -39.93 38.71
N ARG A 385 3.95 -38.58 38.65
CA ARG A 385 4.94 -37.71 39.32
C ARG A 385 4.80 -37.80 40.83
N GLU A 386 3.54 -37.78 41.32
CA GLU A 386 3.21 -37.89 42.74
C GLU A 386 3.52 -39.31 43.25
N ALA A 387 3.09 -40.36 42.50
CA ALA A 387 3.33 -41.76 42.87
C ALA A 387 4.82 -42.14 42.85
N ALA A 388 5.64 -41.53 41.94
CA ALA A 388 7.08 -41.77 41.81
C ALA A 388 7.86 -41.19 42.98
N ARG A 389 7.40 -40.02 43.48
CA ARG A 389 7.94 -39.32 44.64
C ARG A 389 7.62 -40.13 45.93
N ARG A 390 6.40 -40.71 46.01
CA ARG A 390 5.93 -41.55 47.13
C ARG A 390 6.66 -42.91 47.16
N ALA A 391 7.02 -43.45 45.98
CA ALA A 391 7.75 -44.71 45.82
C ALA A 391 9.20 -44.60 46.34
N ARG A 392 9.77 -43.37 46.31
CA ARG A 392 11.11 -43.06 46.81
C ARG A 392 11.16 -43.20 48.34
N GLU A 393 10.11 -42.69 49.05
CA GLU A 393 9.97 -42.74 50.50
C GLU A 393 9.61 -44.15 51.02
N MET A 394 8.98 -44.97 50.15
CA MET A 394 8.54 -46.35 50.43
C MET A 394 9.68 -47.29 50.82
N THR A 395 10.72 -47.42 49.95
CA THR A 395 11.88 -48.28 50.16
C THR A 395 13.05 -47.53 50.78
N GLY B 18 11.18 28.16 -16.14
CA GLY B 18 10.74 29.51 -16.51
C GLY B 18 9.27 29.75 -16.29
N LEU B 19 8.89 30.99 -15.91
CA LEU B 19 7.49 31.38 -15.67
C LEU B 19 7.12 32.75 -16.27
N ASP B 20 7.98 33.28 -17.17
CA ASP B 20 7.77 34.55 -17.89
C ASP B 20 6.67 34.37 -18.95
N ALA B 21 6.60 33.16 -19.55
CA ALA B 21 5.64 32.77 -20.59
C ALA B 21 4.23 32.80 -20.04
N VAL B 22 4.06 32.30 -18.80
CA VAL B 22 2.80 32.24 -18.05
C VAL B 22 2.34 33.66 -17.70
N ARG B 23 3.25 34.54 -17.24
CA ARG B 23 2.97 35.94 -16.90
C ARG B 23 2.62 36.77 -18.17
N LYS B 24 3.19 36.40 -19.33
CA LYS B 24 2.93 37.09 -20.60
C LYS B 24 1.54 36.74 -21.17
N ARG B 25 1.12 35.46 -21.09
CA ARG B 25 -0.20 35.01 -21.58
C ARG B 25 -0.96 34.18 -20.52
N PRO B 26 -1.41 34.82 -19.40
CA PRO B 26 -2.04 34.08 -18.29
C PRO B 26 -3.28 33.22 -18.56
N GLY B 27 -4.24 33.73 -19.33
CA GLY B 27 -5.48 33.04 -19.68
C GLY B 27 -5.32 31.77 -20.48
N MET B 28 -4.16 31.62 -21.14
CA MET B 28 -3.80 30.45 -21.95
C MET B 28 -3.63 29.23 -21.03
N TYR B 29 -3.24 29.51 -19.78
CA TYR B 29 -2.97 28.53 -18.75
C TYR B 29 -4.15 28.30 -17.78
N ILE B 30 -4.73 29.38 -17.18
CA ILE B 30 -5.81 29.20 -16.18
C ILE B 30 -7.20 29.51 -16.67
N GLY B 31 -7.34 30.17 -17.81
CA GLY B 31 -8.64 30.61 -18.29
C GLY B 31 -8.71 32.13 -18.20
N ASP B 32 -9.81 32.74 -18.64
CA ASP B 32 -9.86 34.20 -18.70
C ASP B 32 -9.89 34.90 -17.33
N THR B 33 -8.93 35.82 -17.19
CA THR B 33 -8.63 36.67 -16.04
C THR B 33 -9.56 37.91 -15.84
N ASP B 34 -10.65 38.05 -16.64
CA ASP B 34 -11.56 39.22 -16.51
C ASP B 34 -13.01 38.87 -16.08
N ASP B 35 -13.35 37.57 -15.97
CA ASP B 35 -14.69 37.11 -15.61
C ASP B 35 -14.74 36.10 -14.43
N GLY B 36 -13.65 36.04 -13.66
CA GLY B 36 -13.53 35.16 -12.50
C GLY B 36 -13.36 33.68 -12.75
N THR B 37 -13.26 33.24 -14.01
CA THR B 37 -13.07 31.82 -14.32
C THR B 37 -11.67 31.37 -13.96
N GLY B 38 -10.67 32.10 -14.49
CA GLY B 38 -9.26 31.85 -14.20
C GLY B 38 -9.01 31.96 -12.71
N LEU B 39 -9.55 33.05 -12.11
CA LEU B 39 -9.46 33.31 -10.68
C LEU B 39 -9.86 32.10 -9.84
N HIS B 40 -11.01 31.46 -10.14
CA HIS B 40 -11.44 30.28 -9.40
C HIS B 40 -10.65 29.03 -9.78
N HIS B 41 -10.21 28.89 -11.06
CA HIS B 41 -9.40 27.78 -11.56
CA HIS B 41 -9.41 27.74 -11.50
C HIS B 41 -8.05 27.72 -10.83
N MET B 42 -7.56 28.88 -10.33
CA MET B 42 -6.30 29.01 -9.57
C MET B 42 -6.47 28.09 -8.35
N VAL B 43 -7.62 28.21 -7.61
CA VAL B 43 -7.96 27.39 -6.44
C VAL B 43 -7.88 25.89 -6.80
N PHE B 44 -8.65 25.49 -7.82
CA PHE B 44 -8.85 24.13 -8.29
C PHE B 44 -7.60 23.45 -8.80
N GLU B 45 -6.61 24.24 -9.33
CA GLU B 45 -5.32 23.70 -9.81
C GLU B 45 -4.54 23.25 -8.58
N VAL B 46 -4.52 24.09 -7.50
CA VAL B 46 -3.87 23.80 -6.23
C VAL B 46 -4.55 22.57 -5.60
N VAL B 47 -5.88 22.58 -5.53
CA VAL B 47 -6.71 21.48 -4.99
C VAL B 47 -6.42 20.14 -5.70
N ASP B 48 -6.22 20.19 -7.01
CA ASP B 48 -5.91 19.01 -7.80
C ASP B 48 -4.53 18.40 -7.46
N ASN B 49 -3.54 19.27 -7.12
CA ASN B 49 -2.21 18.81 -6.71
C ASN B 49 -2.29 18.14 -5.37
N ALA B 50 -3.25 18.58 -4.51
CA ALA B 50 -3.50 17.98 -3.21
C ALA B 50 -4.19 16.63 -3.38
N ILE B 51 -5.28 16.56 -4.18
CA ILE B 51 -6.10 15.37 -4.43
C ILE B 51 -5.28 14.19 -5.00
N ASP B 52 -4.27 14.46 -5.88
CA ASP B 52 -3.45 13.43 -6.54
C ASP B 52 -2.66 12.53 -5.58
N GLU B 53 -2.41 13.04 -4.37
CA GLU B 53 -1.76 12.38 -3.26
C GLU B 53 -2.75 11.41 -2.54
N ALA B 54 -4.08 11.64 -2.71
CA ALA B 54 -5.13 10.87 -2.07
C ALA B 54 -5.31 9.44 -2.63
N LEU B 55 -5.25 9.23 -3.98
CA LEU B 55 -5.37 7.90 -4.60
C LEU B 55 -4.24 6.98 -4.12
N ALA B 56 -3.03 7.55 -3.95
CA ALA B 56 -1.84 6.84 -3.45
C ALA B 56 -2.04 6.38 -1.97
N GLY B 57 -2.91 7.10 -1.25
CA GLY B 57 -3.30 6.83 0.13
C GLY B 57 -2.56 7.66 1.15
N HIS B 58 -1.90 8.73 0.70
CA HIS B 58 -1.09 9.60 1.55
C HIS B 58 -1.87 10.74 2.17
N CYS B 59 -2.66 11.44 1.34
CA CYS B 59 -3.54 12.56 1.69
C CYS B 59 -4.94 12.03 2.05
N LYS B 60 -5.40 12.34 3.28
CA LYS B 60 -6.72 11.92 3.78
C LYS B 60 -7.73 13.08 3.84
N GLU B 61 -7.24 14.32 4.04
CA GLU B 61 -8.07 15.52 4.15
C GLU B 61 -7.47 16.73 3.50
N ILE B 62 -8.32 17.50 2.79
CA ILE B 62 -7.96 18.77 2.18
C ILE B 62 -8.88 19.84 2.78
N ILE B 63 -8.27 20.93 3.29
CA ILE B 63 -8.99 22.08 3.84
C ILE B 63 -8.70 23.26 2.92
N VAL B 64 -9.75 23.85 2.35
CA VAL B 64 -9.73 25.02 1.48
C VAL B 64 -10.36 26.18 2.30
N THR B 65 -9.65 27.31 2.40
CA THR B 65 -10.10 28.47 3.18
C THR B 65 -10.02 29.74 2.34
N ILE B 66 -11.14 30.52 2.35
CA ILE B 66 -11.20 31.84 1.72
C ILE B 66 -10.86 32.84 2.85
N HIS B 67 -9.74 33.57 2.73
CA HIS B 67 -9.32 34.55 3.73
C HIS B 67 -9.92 35.92 3.43
N ALA B 68 -10.14 36.72 4.48
CA ALA B 68 -10.73 38.06 4.37
C ALA B 68 -9.98 39.02 3.43
N ASP B 69 -8.68 38.74 3.15
CA ASP B 69 -7.83 39.55 2.26
C ASP B 69 -7.82 39.04 0.79
N ASN B 70 -8.84 38.20 0.41
CA ASN B 70 -9.09 37.63 -0.92
C ASN B 70 -7.97 36.70 -1.40
N SER B 71 -7.32 36.03 -0.43
CA SER B 71 -6.31 34.98 -0.68
C SER B 71 -6.98 33.66 -0.33
N VAL B 72 -6.53 32.57 -0.92
CA VAL B 72 -7.11 31.26 -0.66
C VAL B 72 -6.01 30.36 -0.17
N SER B 73 -6.25 29.63 0.91
CA SER B 73 -5.25 28.66 1.33
C SER B 73 -5.81 27.26 1.14
N VAL B 74 -4.95 26.31 0.74
CA VAL B 74 -5.29 24.91 0.55
C VAL B 74 -4.30 24.15 1.39
N GLN B 75 -4.77 23.37 2.37
CA GLN B 75 -3.92 22.57 3.27
CA GLN B 75 -3.89 22.57 3.22
C GLN B 75 -4.28 21.09 3.21
N ASP B 76 -3.29 20.21 3.06
CA ASP B 76 -3.52 18.76 3.08
C ASP B 76 -2.68 18.10 4.18
N ASP B 77 -2.94 16.82 4.43
CA ASP B 77 -2.21 16.04 5.41
C ASP B 77 -1.41 14.95 4.66
N GLY B 78 -0.92 15.32 3.47
CA GLY B 78 -0.10 14.47 2.61
C GLY B 78 1.29 14.30 3.15
N ARG B 79 2.21 13.84 2.32
CA ARG B 79 3.59 13.63 2.75
C ARG B 79 4.40 14.93 2.87
N GLY B 80 3.93 15.99 2.22
CA GLY B 80 4.62 17.26 2.10
C GLY B 80 5.49 17.24 0.85
N ILE B 81 5.49 18.34 0.06
CA ILE B 81 6.31 18.40 -1.17
C ILE B 81 7.79 18.20 -0.78
N PRO B 82 8.63 17.43 -1.54
CA PRO B 82 10.04 17.24 -1.13
C PRO B 82 10.79 18.53 -0.88
N THR B 83 11.56 18.53 0.22
CA THR B 83 12.33 19.65 0.75
C THR B 83 13.82 19.59 0.41
N GLY B 84 14.32 18.38 0.12
CA GLY B 84 15.72 18.12 -0.19
C GLY B 84 16.23 18.86 -1.40
N ILE B 85 17.47 19.36 -1.32
CA ILE B 85 18.12 20.12 -2.39
C ILE B 85 18.33 19.25 -3.63
N HIS B 86 17.79 19.73 -4.76
CA HIS B 86 17.90 19.16 -6.09
C HIS B 86 19.41 19.32 -6.45
N PRO B 87 20.18 18.21 -6.55
CA PRO B 87 21.64 18.33 -6.81
C PRO B 87 22.07 19.16 -8.03
N GLU B 88 21.22 19.18 -9.08
CA GLU B 88 21.42 19.93 -10.33
C GLU B 88 21.00 21.40 -10.22
N GLU B 89 19.88 21.70 -9.51
CA GLU B 89 19.35 23.06 -9.41
C GLU B 89 19.91 23.87 -8.22
N GLY B 90 20.45 23.18 -7.21
CA GLY B 90 21.02 23.83 -6.03
C GLY B 90 20.00 24.43 -5.07
N VAL B 91 18.71 24.41 -5.46
CA VAL B 91 17.58 24.90 -4.66
C VAL B 91 16.70 23.68 -4.33
N SER B 92 15.86 23.80 -3.27
CA SER B 92 14.96 22.75 -2.79
C SER B 92 14.10 22.17 -3.89
N ALA B 93 13.77 20.85 -3.80
CA ALA B 93 12.90 20.20 -4.80
C ALA B 93 11.55 20.93 -4.89
N ALA B 94 11.00 21.40 -3.74
CA ALA B 94 9.76 22.21 -3.67
C ALA B 94 9.87 23.48 -4.54
N GLU B 95 11.00 24.25 -4.41
CA GLU B 95 11.27 25.47 -5.19
C GLU B 95 11.40 25.18 -6.68
N VAL B 96 11.99 24.04 -7.04
CA VAL B 96 12.15 23.66 -8.45
C VAL B 96 10.77 23.44 -9.06
N ILE B 97 9.86 22.82 -8.27
CA ILE B 97 8.46 22.55 -8.65
C ILE B 97 7.64 23.87 -8.76
N MET B 98 7.85 24.83 -7.84
CA MET B 98 7.15 26.12 -7.81
C MET B 98 7.57 27.13 -8.88
N THR B 99 8.85 27.06 -9.33
CA THR B 99 9.45 28.02 -10.27
C THR B 99 9.61 27.51 -11.69
N VAL B 100 9.80 26.21 -11.86
CA VAL B 100 9.99 25.60 -13.17
C VAL B 100 8.66 24.98 -13.55
N LEU B 101 8.03 25.52 -14.60
CA LEU B 101 6.71 25.16 -15.12
C LEU B 101 6.39 23.66 -15.09
N HIS B 102 7.06 22.84 -15.91
CA HIS B 102 6.74 21.42 -15.97
C HIS B 102 7.56 20.54 -15.02
N ALA B 103 8.18 21.14 -13.98
CA ALA B 103 8.98 20.42 -12.97
C ALA B 103 8.15 19.48 -12.09
N GLY B 104 6.93 19.91 -11.73
CA GLY B 104 5.97 19.15 -10.93
C GLY B 104 5.55 17.84 -11.56
N GLY B 105 5.08 17.90 -12.82
CA GLY B 105 4.69 16.73 -13.60
C GLY B 105 5.87 15.84 -14.01
N LYS B 106 7.12 16.41 -14.02
CA LYS B 106 8.37 15.71 -14.34
C LYS B 106 8.80 14.83 -13.15
N PHE B 107 8.88 15.45 -11.96
CA PHE B 107 9.28 14.79 -10.72
C PHE B 107 8.29 13.70 -10.29
N ASP B 108 6.97 14.00 -10.37
CA ASP B 108 5.88 13.09 -9.98
C ASP B 108 5.74 11.91 -10.96
N ASP B 109 6.01 10.67 -10.47
CA ASP B 109 5.93 9.42 -11.26
C ASP B 109 4.51 8.92 -11.48
N ASN B 110 3.52 9.44 -10.69
CA ASN B 110 2.08 9.12 -10.74
C ASN B 110 1.46 9.47 -12.12
N SER B 111 1.15 8.42 -12.90
CA SER B 111 0.59 8.52 -14.26
C SER B 111 -0.86 9.04 -14.29
N TYR B 112 -1.59 8.96 -13.15
CA TYR B 112 -2.97 9.44 -13.04
C TYR B 112 -3.06 10.98 -13.03
N LYS B 113 -1.97 11.67 -12.66
CA LYS B 113 -1.84 13.12 -12.66
C LYS B 113 -1.90 13.60 -14.14
N VAL B 114 -2.92 14.44 -14.49
CA VAL B 114 -3.11 14.95 -15.86
C VAL B 114 -2.48 16.34 -16.00
N SER B 115 -1.17 16.35 -16.33
CA SER B 115 -0.37 17.56 -16.50
C SER B 115 -0.23 17.92 -17.98
N GLY B 116 -0.93 18.97 -18.39
CA GLY B 116 -0.90 19.49 -19.75
C GLY B 116 0.17 20.54 -19.93
N GLY B 117 0.39 20.93 -21.19
CA GLY B 117 1.37 21.95 -21.55
C GLY B 117 0.95 23.34 -21.12
N LEU B 118 -0.38 23.61 -21.18
CA LEU B 118 -1.00 24.89 -20.81
C LEU B 118 -1.94 24.77 -19.61
N HIS B 119 -2.96 23.89 -19.70
CA HIS B 119 -3.94 23.67 -18.63
C HIS B 119 -3.58 22.47 -17.74
N GLY B 120 -3.61 22.68 -16.43
CA GLY B 120 -3.30 21.65 -15.44
C GLY B 120 -1.83 21.44 -15.12
N VAL B 121 -1.02 22.51 -15.19
CA VAL B 121 0.43 22.44 -14.92
C VAL B 121 0.69 22.52 -13.39
N GLY B 122 -0.35 22.90 -12.64
CA GLY B 122 -0.32 22.94 -11.20
C GLY B 122 0.02 24.25 -10.54
N VAL B 123 0.69 24.16 -9.38
CA VAL B 123 1.06 25.29 -8.53
C VAL B 123 1.97 26.29 -9.20
N SER B 124 2.83 25.89 -10.15
CA SER B 124 3.76 26.79 -10.83
C SER B 124 3.01 27.88 -11.57
N VAL B 125 1.91 27.51 -12.28
CA VAL B 125 0.99 28.43 -12.97
C VAL B 125 0.31 29.32 -11.91
N VAL B 126 -0.15 28.72 -10.77
CA VAL B 126 -0.81 29.44 -9.68
C VAL B 126 0.18 30.45 -9.05
N ASN B 127 1.42 30.05 -8.90
CA ASN B 127 2.51 30.87 -8.37
C ASN B 127 2.84 32.08 -9.27
N ALA B 128 3.07 31.85 -10.58
CA ALA B 128 3.42 32.87 -11.57
C ALA B 128 2.38 33.97 -11.64
N LEU B 129 1.10 33.60 -11.45
CA LEU B 129 -0.02 34.52 -11.48
C LEU B 129 -0.47 35.01 -10.06
N SER B 130 0.29 34.66 -9.00
CA SER B 130 0.02 35.11 -7.62
C SER B 130 1.02 36.20 -7.21
N GLN B 131 0.53 37.40 -6.80
CA GLN B 131 1.38 38.52 -6.36
C GLN B 131 2.18 38.16 -5.11
N LYS B 132 1.66 37.18 -4.36
CA LYS B 132 2.26 36.57 -3.18
C LYS B 132 1.77 35.12 -3.06
N LEU B 133 2.71 34.21 -2.72
CA LEU B 133 2.42 32.80 -2.47
C LEU B 133 3.25 32.39 -1.25
N GLU B 134 2.59 31.82 -0.25
CA GLU B 134 3.23 31.28 0.93
C GLU B 134 3.10 29.75 0.86
N LEU B 135 4.23 29.07 0.98
CA LEU B 135 4.28 27.61 0.99
C LEU B 135 4.82 27.19 2.34
N VAL B 136 4.13 26.27 2.99
CA VAL B 136 4.50 25.71 4.29
C VAL B 136 4.41 24.21 4.14
N ILE B 137 5.54 23.54 4.31
CA ILE B 137 5.64 22.10 4.21
C ILE B 137 6.01 21.54 5.61
N GLN B 138 5.27 20.53 6.04
CA GLN B 138 5.46 19.81 7.28
C GLN B 138 5.90 18.45 6.80
N ARG B 139 7.16 18.11 7.04
CA ARG B 139 7.75 16.88 6.53
C ARG B 139 8.98 16.55 7.37
N GLU B 140 9.25 15.25 7.55
CA GLU B 140 10.40 14.68 8.27
C GLU B 140 10.66 15.36 9.66
N GLY B 141 9.58 15.63 10.38
CA GLY B 141 9.61 16.22 11.72
C GLY B 141 9.87 17.71 11.82
N LYS B 142 9.78 18.46 10.70
CA LYS B 142 10.03 19.91 10.75
C LYS B 142 9.16 20.72 9.77
N ILE B 143 8.94 22.00 10.11
CA ILE B 143 8.17 22.95 9.31
C ILE B 143 9.16 23.73 8.44
N HIS B 144 8.91 23.77 7.12
CA HIS B 144 9.70 24.51 6.15
C HIS B 144 8.75 25.57 5.57
N ARG B 145 9.24 26.81 5.37
CA ARG B 145 8.44 27.90 4.81
C ARG B 145 9.17 28.63 3.69
N GLN B 146 8.40 29.17 2.72
CA GLN B 146 8.91 29.96 1.60
C GLN B 146 7.88 30.96 1.11
N ILE B 147 8.35 32.17 0.75
CA ILE B 147 7.51 33.25 0.25
C ILE B 147 7.89 33.55 -1.17
N TYR B 148 6.89 33.59 -2.06
CA TYR B 148 7.02 33.86 -3.47
C TYR B 148 6.33 35.19 -3.82
N GLU B 149 6.89 35.95 -4.78
CA GLU B 149 6.32 37.24 -5.20
C GLU B 149 6.31 37.30 -6.71
N HIS B 150 5.12 37.07 -7.31
CA HIS B 150 4.88 36.98 -8.74
C HIS B 150 5.70 35.83 -9.36
N GLY B 151 6.02 34.82 -8.56
CA GLY B 151 6.78 33.65 -8.98
C GLY B 151 8.19 33.57 -8.46
N VAL B 152 8.75 34.71 -8.02
CA VAL B 152 10.14 34.80 -7.55
C VAL B 152 10.26 34.58 -6.01
N PRO B 153 11.02 33.52 -5.60
CA PRO B 153 11.20 33.23 -4.16
C PRO B 153 11.93 34.36 -3.42
N GLN B 154 11.46 34.75 -2.24
CA GLN B 154 12.08 35.84 -1.47
C GLN B 154 13.33 35.40 -0.68
N ALA B 155 13.48 34.08 -0.48
CA ALA B 155 14.62 33.42 0.18
C ALA B 155 14.48 31.91 -0.07
N PRO B 156 15.53 31.06 0.05
CA PRO B 156 15.32 29.62 -0.19
C PRO B 156 14.46 29.00 0.94
N LEU B 157 13.79 27.86 0.65
CA LEU B 157 12.94 27.13 1.61
C LEU B 157 13.75 26.90 2.89
N ALA B 158 13.21 27.32 4.04
CA ALA B 158 13.96 27.21 5.29
C ALA B 158 13.12 26.67 6.41
N VAL B 159 13.73 25.83 7.27
CA VAL B 159 13.09 25.25 8.46
C VAL B 159 12.82 26.40 9.47
N THR B 160 11.54 26.59 9.83
CA THR B 160 11.07 27.63 10.78
C THR B 160 10.80 27.07 12.18
N GLY B 161 10.40 25.80 12.24
CA GLY B 161 10.10 25.10 13.47
C GLY B 161 10.04 23.58 13.33
N GLU B 162 9.52 22.92 14.37
CA GLU B 162 9.35 21.48 14.47
C GLU B 162 7.87 21.13 14.40
N THR B 163 7.56 19.88 13.99
CA THR B 163 6.19 19.36 13.89
C THR B 163 6.19 17.85 13.98
N GLU B 164 5.03 17.28 14.33
CA GLU B 164 4.84 15.82 14.39
C GLU B 164 3.99 15.41 13.15
N LYS B 165 3.30 16.40 12.55
CA LYS B 165 2.41 16.28 11.39
C LYS B 165 3.14 16.41 10.05
N THR B 166 2.57 15.78 9.01
CA THR B 166 3.03 15.88 7.63
C THR B 166 1.94 16.60 6.83
N GLY B 167 2.34 17.26 5.75
CA GLY B 167 1.41 17.95 4.85
C GLY B 167 1.95 19.19 4.19
N THR B 168 1.19 19.71 3.23
CA THR B 168 1.55 20.91 2.50
C THR B 168 0.44 21.92 2.61
N MET B 169 0.83 23.19 2.72
CA MET B 169 -0.07 24.34 2.75
C MET B 169 0.39 25.29 1.65
N VAL B 170 -0.52 25.68 0.73
CA VAL B 170 -0.31 26.72 -0.29
C VAL B 170 -1.38 27.81 -0.09
N ARG B 171 -0.94 29.01 0.35
CA ARG B 171 -1.77 30.22 0.46
C ARG B 171 -1.33 31.15 -0.64
N PHE B 172 -2.26 31.59 -1.48
CA PHE B 172 -1.90 32.44 -2.60
C PHE B 172 -2.78 33.68 -2.73
N TRP B 173 -2.16 34.82 -3.12
CA TRP B 173 -2.85 36.10 -3.32
C TRP B 173 -2.83 36.39 -4.83
N PRO B 174 -3.97 36.22 -5.56
CA PRO B 174 -3.94 36.47 -7.02
C PRO B 174 -3.50 37.89 -7.40
N SER B 175 -2.67 38.01 -8.46
CA SER B 175 -2.16 39.29 -8.93
C SER B 175 -3.27 40.16 -9.47
N LEU B 176 -3.28 41.44 -9.05
CA LEU B 176 -4.31 42.39 -9.46
C LEU B 176 -3.94 43.08 -10.78
N GLU B 177 -2.74 42.78 -11.30
CA GLU B 177 -2.25 43.25 -12.61
C GLU B 177 -2.66 42.21 -13.66
N THR B 178 -3.03 41.00 -13.18
CA THR B 178 -3.46 39.83 -13.96
C THR B 178 -4.99 39.70 -13.95
N PHE B 179 -5.59 39.55 -12.75
CA PHE B 179 -7.02 39.37 -12.53
C PHE B 179 -7.75 40.69 -12.32
N THR B 180 -8.63 41.04 -13.28
CA THR B 180 -9.42 42.27 -13.29
C THR B 180 -10.90 41.93 -13.28
N ASN B 181 -11.75 42.90 -12.87
CA ASN B 181 -13.24 42.84 -12.74
C ASN B 181 -13.71 41.91 -11.59
N VAL B 182 -13.32 40.60 -11.61
CA VAL B 182 -13.71 39.59 -10.59
C VAL B 182 -12.48 39.13 -9.77
N THR B 183 -12.19 39.84 -8.66
CA THR B 183 -11.04 39.61 -7.77
C THR B 183 -11.41 38.99 -6.40
N GLU B 184 -12.71 38.70 -6.18
CA GLU B 184 -13.23 38.13 -4.94
C GLU B 184 -13.76 36.71 -5.17
N PHE B 185 -13.39 35.78 -4.28
CA PHE B 185 -13.80 34.38 -4.39
C PHE B 185 -15.24 34.18 -3.99
N GLU B 186 -15.98 33.48 -4.86
CA GLU B 186 -17.38 33.17 -4.70
C GLU B 186 -17.40 31.81 -4.06
N TYR B 187 -18.00 31.72 -2.86
CA TYR B 187 -18.09 30.50 -2.06
C TYR B 187 -18.84 29.40 -2.85
N GLU B 188 -19.90 29.78 -3.56
CA GLU B 188 -20.73 28.83 -4.30
C GLU B 188 -19.95 28.14 -5.43
N ILE B 189 -19.06 28.87 -6.15
CA ILE B 189 -18.23 28.32 -7.21
C ILE B 189 -17.32 27.23 -6.64
N LEU B 190 -16.66 27.55 -5.53
CA LEU B 190 -15.78 26.62 -4.82
C LEU B 190 -16.52 25.40 -4.23
N ALA B 191 -17.59 25.61 -3.43
CA ALA B 191 -18.38 24.53 -2.83
C ALA B 191 -18.94 23.50 -3.84
N LYS B 192 -19.50 23.98 -4.95
CA LYS B 192 -20.08 23.14 -5.99
C LYS B 192 -19.06 22.15 -6.57
N ARG B 193 -17.83 22.64 -6.87
CA ARG B 193 -16.76 21.81 -7.43
C ARG B 193 -16.07 20.96 -6.39
N LEU B 194 -15.86 21.51 -5.18
CA LEU B 194 -15.25 20.78 -4.07
C LEU B 194 -16.12 19.58 -3.66
N ARG B 195 -17.47 19.73 -3.71
CA ARG B 195 -18.41 18.63 -3.42
C ARG B 195 -18.30 17.55 -4.50
N GLU B 196 -18.29 17.94 -5.80
CA GLU B 196 -18.15 17.06 -6.96
C GLU B 196 -16.86 16.25 -6.89
N LEU B 197 -15.77 16.91 -6.49
CA LEU B 197 -14.46 16.27 -6.32
C LEU B 197 -14.48 15.18 -5.21
N SER B 198 -15.29 15.40 -4.12
CA SER B 198 -15.46 14.45 -3.02
C SER B 198 -16.34 13.25 -3.44
N PHE B 199 -17.29 13.49 -4.37
CA PHE B 199 -18.13 12.43 -4.97
C PHE B 199 -17.26 11.52 -5.87
N LEU B 200 -16.29 12.13 -6.57
CA LEU B 200 -15.45 11.42 -7.54
C LEU B 200 -14.23 10.77 -6.91
N ASN B 201 -13.97 11.07 -5.62
CA ASN B 201 -12.84 10.55 -4.86
C ASN B 201 -13.34 10.16 -3.47
N SER B 202 -14.15 9.09 -3.43
CA SER B 202 -14.75 8.56 -2.20
C SER B 202 -13.64 8.29 -1.17
N GLY B 203 -13.89 8.70 0.07
CA GLY B 203 -12.95 8.52 1.18
C GLY B 203 -12.17 9.77 1.47
N VAL B 204 -12.08 10.70 0.49
CA VAL B 204 -11.36 11.98 0.65
C VAL B 204 -12.25 13.02 1.29
N SER B 205 -11.70 13.67 2.32
CA SER B 205 -12.40 14.66 3.10
C SER B 205 -12.03 16.04 2.60
N ILE B 206 -13.02 16.82 2.13
CA ILE B 206 -12.76 18.18 1.65
C ILE B 206 -13.59 19.17 2.44
N ARG B 207 -12.90 20.01 3.20
CA ARG B 207 -13.57 21.02 4.00
C ARG B 207 -13.43 22.35 3.32
N LEU B 208 -14.48 23.17 3.40
CA LEU B 208 -14.45 24.50 2.81
C LEU B 208 -14.80 25.50 3.86
N ARG B 209 -13.93 26.51 4.07
CA ARG B 209 -14.12 27.53 5.09
C ARG B 209 -14.11 28.94 4.54
N ASP B 210 -14.93 29.85 5.10
CA ASP B 210 -14.92 31.25 4.67
C ASP B 210 -14.63 32.13 5.86
N LYS B 211 -13.49 32.83 5.89
CA LYS B 211 -13.18 33.69 7.06
C LYS B 211 -13.92 35.01 7.02
N ARG B 212 -14.58 35.31 5.89
CA ARG B 212 -15.34 36.54 5.74
C ARG B 212 -16.64 36.48 6.50
N ASP B 213 -17.29 35.27 6.59
CA ASP B 213 -18.54 35.14 7.34
C ASP B 213 -18.61 33.93 8.31
N GLY B 214 -17.59 33.10 8.37
CA GLY B 214 -17.55 31.94 9.26
C GLY B 214 -18.16 30.70 8.65
N LYS B 215 -18.64 30.82 7.40
CA LYS B 215 -19.31 29.76 6.62
C LYS B 215 -18.38 28.60 6.34
N GLU B 216 -18.85 27.41 6.63
CA GLU B 216 -18.07 26.21 6.37
C GLU B 216 -18.92 25.07 5.85
N ASP B 217 -18.28 24.16 5.13
CA ASP B 217 -18.87 22.94 4.58
C ASP B 217 -17.84 21.84 4.73
N HIS B 218 -18.29 20.60 4.72
CA HIS B 218 -17.45 19.44 4.82
C HIS B 218 -18.03 18.40 3.87
N PHE B 219 -17.23 18.04 2.88
CA PHE B 219 -17.62 17.06 1.88
C PHE B 219 -16.79 15.81 2.08
N HIS B 220 -17.46 14.70 2.35
CA HIS B 220 -16.85 13.38 2.56
C HIS B 220 -17.89 12.30 2.31
N TYR B 221 -17.57 11.36 1.42
CA TYR B 221 -18.47 10.26 1.07
C TYR B 221 -17.73 8.94 1.01
N GLU B 222 -18.32 7.88 1.55
CA GLU B 222 -17.69 6.56 1.49
C GLU B 222 -18.09 5.88 0.18
N GLY B 223 -19.26 6.27 -0.31
CA GLY B 223 -19.85 5.87 -1.58
C GLY B 223 -20.21 7.13 -2.34
N GLY B 224 -19.20 7.77 -2.91
CA GLY B 224 -19.32 9.02 -3.64
C GLY B 224 -20.09 8.95 -4.93
N ILE B 225 -19.88 7.87 -5.73
CA ILE B 225 -20.54 7.71 -7.04
C ILE B 225 -22.05 7.55 -6.84
N LYS B 226 -22.48 6.78 -5.83
CA LYS B 226 -23.91 6.58 -5.49
C LYS B 226 -24.51 7.91 -5.02
N ALA B 227 -23.85 8.59 -4.03
CA ALA B 227 -24.25 9.86 -3.46
C ALA B 227 -24.42 10.93 -4.55
N PHE B 228 -23.48 10.96 -5.51
CA PHE B 228 -23.51 11.90 -6.65
C PHE B 228 -24.88 11.83 -7.34
N VAL B 229 -25.31 10.60 -7.75
CA VAL B 229 -26.60 10.34 -8.41
C VAL B 229 -27.77 10.71 -7.49
N GLU B 230 -27.70 10.42 -6.16
CA GLU B 230 -28.74 10.82 -5.20
C GLU B 230 -28.89 12.33 -5.15
N TYR B 231 -27.76 13.08 -5.32
CA TYR B 231 -27.80 14.53 -5.34
C TYR B 231 -28.45 14.98 -6.64
N LEU B 232 -28.07 14.35 -7.76
CA LEU B 232 -28.66 14.71 -9.05
C LEU B 232 -30.18 14.44 -9.14
N ASN B 233 -30.66 13.46 -8.38
CA ASN B 233 -32.05 13.03 -8.36
C ASN B 233 -32.83 13.54 -7.15
N LYS B 234 -32.32 14.57 -6.48
CA LYS B 234 -32.96 15.04 -5.27
C LYS B 234 -34.20 15.92 -5.55
N ASN B 235 -34.24 16.65 -6.69
CA ASN B 235 -35.41 17.48 -7.02
C ASN B 235 -36.21 16.92 -8.20
N LYS B 236 -36.03 15.61 -8.43
CA LYS B 236 -36.61 14.76 -9.46
C LYS B 236 -37.33 13.61 -8.73
N THR B 237 -38.04 12.75 -9.50
CA THR B 237 -38.80 11.62 -8.96
C THR B 237 -38.32 10.27 -9.55
N PRO B 238 -37.43 9.55 -8.83
CA PRO B 238 -37.01 8.22 -9.31
C PRO B 238 -38.18 7.24 -9.49
N ILE B 239 -38.15 6.44 -10.57
CA ILE B 239 -39.23 5.46 -10.83
C ILE B 239 -38.93 4.08 -10.23
N HIS B 240 -37.68 3.86 -9.81
CA HIS B 240 -37.19 2.59 -9.22
C HIS B 240 -36.30 2.93 -8.00
N PRO B 241 -36.38 2.18 -6.88
CA PRO B 241 -35.62 2.59 -5.68
C PRO B 241 -34.13 2.28 -5.68
N ASN B 242 -33.72 1.17 -6.31
CA ASN B 242 -32.32 0.77 -6.28
C ASN B 242 -31.49 1.43 -7.37
N ILE B 243 -30.49 2.21 -6.96
CA ILE B 243 -29.55 2.88 -7.85
C ILE B 243 -28.58 1.78 -8.33
N PHE B 244 -28.28 1.74 -9.64
CA PHE B 244 -27.30 0.78 -10.13
C PHE B 244 -25.99 1.47 -10.00
N TYR B 245 -25.07 0.89 -9.22
CA TYR B 245 -23.73 1.45 -9.05
C TYR B 245 -22.68 0.40 -8.82
N PHE B 246 -21.43 0.81 -9.16
CA PHE B 246 -20.23 0.02 -8.99
C PHE B 246 -18.99 0.90 -8.94
N SER B 247 -17.91 0.36 -8.35
CA SER B 247 -16.64 1.03 -8.25
C SER B 247 -15.59 -0.04 -8.29
N THR B 248 -14.95 -0.19 -9.45
CA THR B 248 -13.96 -1.24 -9.67
C THR B 248 -12.67 -0.70 -10.26
N GLU B 249 -11.63 -1.54 -10.23
CA GLU B 249 -10.34 -1.32 -10.87
C GLU B 249 -9.89 -2.64 -11.46
N LYS B 250 -9.50 -2.59 -12.73
CA LYS B 250 -8.96 -3.71 -13.49
C LYS B 250 -7.92 -3.15 -14.44
N ASP B 251 -6.68 -3.67 -14.33
CA ASP B 251 -5.52 -3.31 -15.15
C ASP B 251 -5.31 -1.78 -15.23
N GLY B 252 -5.23 -1.14 -14.06
CA GLY B 252 -5.00 0.28 -13.91
C GLY B 252 -6.12 1.23 -14.26
N ILE B 253 -7.29 0.74 -14.67
CA ILE B 253 -8.39 1.64 -14.98
C ILE B 253 -9.50 1.51 -13.94
N GLY B 254 -9.66 2.60 -13.17
CA GLY B 254 -10.70 2.70 -12.16
C GLY B 254 -11.96 3.20 -12.83
N VAL B 255 -13.06 2.43 -12.68
CA VAL B 255 -14.36 2.73 -13.26
C VAL B 255 -15.40 2.77 -12.16
N GLU B 256 -16.09 3.91 -12.09
CA GLU B 256 -17.18 4.20 -11.18
C GLU B 256 -18.31 4.66 -12.04
N VAL B 257 -19.44 3.99 -11.87
CA VAL B 257 -20.70 4.24 -12.54
C VAL B 257 -21.76 4.11 -11.46
N ALA B 258 -22.72 5.05 -11.48
CA ALA B 258 -23.95 5.06 -10.73
C ALA B 258 -24.99 5.63 -11.68
N LEU B 259 -26.21 5.07 -11.68
CA LEU B 259 -27.32 5.48 -12.54
C LEU B 259 -28.66 5.18 -11.89
N GLN B 260 -29.68 5.95 -12.29
CA GLN B 260 -31.06 5.83 -11.82
C GLN B 260 -31.98 6.62 -12.72
N TRP B 261 -33.08 5.99 -13.16
CA TRP B 261 -34.15 6.59 -13.95
C TRP B 261 -35.16 7.34 -13.06
N ASN B 262 -35.68 8.48 -13.60
CA ASN B 262 -36.74 9.32 -13.06
C ASN B 262 -37.90 9.39 -14.04
N ASP B 263 -39.07 9.90 -13.60
CA ASP B 263 -40.27 10.01 -14.42
C ASP B 263 -40.17 11.08 -15.54
N GLY B 264 -39.04 11.78 -15.62
CA GLY B 264 -38.74 12.79 -16.64
C GLY B 264 -38.40 12.19 -18.01
N PHE B 265 -38.15 13.05 -18.99
CA PHE B 265 -37.91 12.64 -20.38
C PHE B 265 -36.62 13.22 -20.93
N GLN B 266 -35.68 13.47 -20.03
CA GLN B 266 -34.36 14.01 -20.32
C GLN B 266 -33.32 12.97 -19.96
N GLU B 267 -32.21 12.98 -20.68
CA GLU B 267 -31.08 12.09 -20.47
C GLU B 267 -29.89 12.95 -20.04
N ASN B 268 -29.26 12.59 -18.93
CA ASN B 268 -28.14 13.34 -18.41
C ASN B 268 -27.09 12.42 -17.89
N ILE B 269 -26.05 12.17 -18.71
CA ILE B 269 -24.92 11.30 -18.37
C ILE B 269 -23.67 12.16 -18.22
N TYR B 270 -23.20 12.31 -16.98
CA TYR B 270 -22.07 13.16 -16.65
C TYR B 270 -20.84 12.34 -16.62
N CYS B 271 -19.92 12.65 -17.56
CA CYS B 271 -18.69 11.93 -17.79
C CYS B 271 -17.50 12.65 -17.21
N PHE B 272 -16.60 11.88 -16.58
CA PHE B 272 -15.41 12.37 -15.91
C PHE B 272 -14.23 11.46 -16.16
N THR B 273 -13.05 12.06 -16.33
CA THR B 273 -11.75 11.40 -16.54
C THR B 273 -10.78 12.13 -15.62
N ASN B 274 -10.29 11.41 -14.60
CA ASN B 274 -9.35 11.93 -13.61
C ASN B 274 -9.83 13.29 -13.10
N ASN B 275 -11.14 13.36 -12.73
CA ASN B 275 -11.88 14.52 -12.21
C ASN B 275 -12.31 15.55 -13.29
N ILE B 276 -11.69 15.54 -14.47
CA ILE B 276 -12.00 16.48 -15.56
C ILE B 276 -13.30 16.08 -16.27
N PRO B 277 -14.31 16.99 -16.31
CA PRO B 277 -15.55 16.67 -17.04
C PRO B 277 -15.42 16.71 -18.56
N GLN B 278 -16.11 15.77 -19.25
CA GLN B 278 -16.14 15.67 -20.71
C GLN B 278 -17.52 16.02 -21.15
N ARG B 279 -17.70 17.27 -21.62
CA ARG B 279 -18.95 17.85 -22.12
C ARG B 279 -19.48 17.06 -23.32
N ASP B 280 -18.56 16.65 -24.21
CA ASP B 280 -18.88 15.99 -25.47
C ASP B 280 -18.66 14.45 -25.44
N GLY B 281 -18.55 13.91 -24.24
CA GLY B 281 -18.45 12.48 -24.01
C GLY B 281 -17.12 11.90 -24.37
N GLY B 282 -17.13 10.74 -25.00
CA GLY B 282 -15.92 10.04 -25.37
C GLY B 282 -16.08 8.55 -25.27
N THR B 283 -14.95 7.83 -25.10
CA THR B 283 -14.86 6.36 -25.04
C THR B 283 -15.54 5.81 -23.78
N HIS B 284 -15.55 6.59 -22.69
CA HIS B 284 -16.26 6.19 -21.47
C HIS B 284 -17.78 6.25 -21.68
N LEU B 285 -18.29 7.31 -22.36
CA LEU B 285 -19.70 7.43 -22.72
C LEU B 285 -20.08 6.28 -23.66
N ALA B 286 -19.24 6.02 -24.70
CA ALA B 286 -19.39 4.97 -25.70
C ALA B 286 -19.39 3.56 -25.10
N GLY B 287 -18.50 3.30 -24.15
CA GLY B 287 -18.43 2.03 -23.41
C GLY B 287 -19.64 1.86 -22.52
N PHE B 288 -20.13 2.97 -21.97
CA PHE B 288 -21.33 2.98 -21.13
C PHE B 288 -22.56 2.62 -21.99
N ARG B 289 -22.71 3.32 -23.15
CA ARG B 289 -23.84 3.13 -24.06
CA ARG B 289 -23.84 3.14 -24.06
C ARG B 289 -23.90 1.74 -24.62
N ALA B 290 -22.73 1.16 -24.96
CA ALA B 290 -22.63 -0.18 -25.50
C ALA B 290 -22.98 -1.25 -24.49
N ALA B 291 -22.54 -1.09 -23.24
CA ALA B 291 -22.84 -2.02 -22.15
C ALA B 291 -24.35 -2.07 -21.89
N MET B 292 -24.97 -0.91 -21.74
CA MET B 292 -26.40 -0.68 -21.50
C MET B 292 -27.25 -1.35 -22.60
N THR B 293 -26.89 -1.16 -23.89
CA THR B 293 -27.59 -1.74 -25.04
C THR B 293 -27.52 -3.25 -25.04
N ARG B 294 -26.33 -3.84 -24.82
CA ARG B 294 -26.19 -5.30 -24.81
C ARG B 294 -26.96 -5.94 -23.64
N THR B 295 -26.91 -5.32 -22.47
CA THR B 295 -27.54 -5.82 -21.25
C THR B 295 -29.07 -5.65 -21.30
N LEU B 296 -29.58 -4.56 -21.87
CA LEU B 296 -31.03 -4.43 -21.99
C LEU B 296 -31.56 -5.34 -23.07
N ASN B 297 -30.77 -5.56 -24.14
CA ASN B 297 -31.16 -6.47 -25.22
C ASN B 297 -31.13 -7.93 -24.78
N ALA B 298 -30.17 -8.34 -23.92
CA ALA B 298 -30.09 -9.71 -23.42
C ALA B 298 -31.22 -9.96 -22.41
N TYR B 299 -31.53 -8.99 -21.54
CA TYR B 299 -32.64 -9.07 -20.57
C TYR B 299 -33.98 -9.19 -21.30
N MET B 300 -34.20 -8.32 -22.33
CA MET B 300 -35.43 -8.34 -23.13
C MET B 300 -35.60 -9.64 -23.91
N ASP B 301 -34.50 -10.21 -24.44
CA ASP B 301 -34.46 -11.50 -25.13
C ASP B 301 -34.94 -12.62 -24.17
N LYS B 302 -34.41 -12.62 -22.91
CA LYS B 302 -34.72 -13.57 -21.85
C LYS B 302 -36.14 -13.42 -21.34
N GLU B 303 -36.61 -12.17 -21.12
CA GLU B 303 -37.94 -11.89 -20.57
C GLU B 303 -39.12 -12.07 -21.54
N GLY B 304 -38.81 -12.30 -22.81
CA GLY B 304 -39.81 -12.55 -23.86
C GLY B 304 -40.42 -11.32 -24.49
N TYR B 305 -39.60 -10.30 -24.74
CA TYR B 305 -40.08 -9.07 -25.37
C TYR B 305 -40.17 -9.27 -26.88
N SER B 306 -41.12 -8.58 -27.55
CA SER B 306 -41.32 -8.66 -29.00
C SER B 306 -40.14 -8.06 -29.78
N LYS B 307 -40.11 -8.30 -31.11
CA LYS B 307 -39.04 -7.75 -31.95
C LYS B 307 -39.20 -6.25 -32.07
N LYS B 308 -40.46 -5.76 -32.06
CA LYS B 308 -40.80 -4.33 -32.13
C LYS B 308 -40.42 -3.63 -30.84
N ALA B 309 -40.68 -4.27 -29.66
CA ALA B 309 -40.33 -3.72 -28.34
C ALA B 309 -38.82 -3.68 -28.13
N LYS B 310 -38.09 -4.66 -28.69
CA LYS B 310 -36.62 -4.71 -28.63
C LYS B 310 -35.98 -3.62 -29.54
N VAL B 311 -36.56 -3.38 -30.74
CA VAL B 311 -36.14 -2.32 -31.70
C VAL B 311 -36.43 -0.94 -31.06
N SER B 312 -37.57 -0.82 -30.37
CA SER B 312 -38.02 0.38 -29.65
C SER B 312 -37.06 0.78 -28.51
N ALA B 313 -36.22 -0.16 -28.04
CA ALA B 313 -35.27 0.02 -26.94
C ALA B 313 -33.79 -0.07 -27.33
N THR B 314 -33.49 -0.06 -28.64
CA THR B 314 -32.13 -0.12 -29.16
C THR B 314 -31.89 1.03 -30.12
N GLY B 315 -32.58 1.00 -31.27
CA GLY B 315 -32.56 1.93 -32.40
C GLY B 315 -31.76 3.21 -32.25
N ASP B 316 -32.12 4.03 -31.23
CA ASP B 316 -31.48 5.29 -30.87
C ASP B 316 -31.19 5.32 -29.36
N ASP B 317 -29.92 5.66 -29.00
CA ASP B 317 -29.46 5.74 -27.61
C ASP B 317 -29.86 7.12 -27.02
N ALA B 318 -31.16 7.28 -26.66
CA ALA B 318 -31.70 8.52 -26.08
C ALA B 318 -32.60 8.16 -24.88
N ARG B 319 -31.98 7.67 -23.79
CA ARG B 319 -32.68 7.18 -22.58
C ARG B 319 -33.33 8.29 -21.73
N GLU B 320 -34.59 8.61 -22.07
CA GLU B 320 -35.46 9.58 -21.41
C GLU B 320 -35.70 9.14 -19.96
N GLY B 321 -35.34 10.00 -19.03
CA GLY B 321 -35.45 9.73 -17.62
C GLY B 321 -34.16 9.26 -17.00
N LEU B 322 -33.08 9.04 -17.82
CA LEU B 322 -31.81 8.56 -17.29
C LEU B 322 -30.96 9.67 -16.70
N ILE B 323 -30.43 9.40 -15.51
CA ILE B 323 -29.44 10.20 -14.81
C ILE B 323 -28.32 9.20 -14.49
N ALA B 324 -27.10 9.46 -15.02
CA ALA B 324 -25.91 8.64 -14.80
C ALA B 324 -24.66 9.50 -14.62
N VAL B 325 -23.70 8.99 -13.83
CA VAL B 325 -22.36 9.52 -13.66
C VAL B 325 -21.40 8.37 -14.06
N VAL B 326 -20.42 8.68 -14.94
CA VAL B 326 -19.40 7.73 -15.41
C VAL B 326 -18.08 8.42 -15.17
N SER B 327 -17.34 8.03 -14.11
CA SER B 327 -16.06 8.64 -13.76
C SER B 327 -14.93 7.63 -13.89
N VAL B 328 -13.87 7.99 -14.62
CA VAL B 328 -12.75 7.07 -14.86
C VAL B 328 -11.43 7.60 -14.29
N LYS B 329 -10.59 6.68 -13.83
CA LYS B 329 -9.25 6.96 -13.36
C LYS B 329 -8.36 6.18 -14.30
N VAL B 330 -7.72 6.90 -15.20
CA VAL B 330 -6.88 6.31 -16.23
C VAL B 330 -5.49 6.95 -16.20
N PRO B 331 -4.43 6.12 -16.15
CA PRO B 331 -3.07 6.66 -16.18
C PRO B 331 -2.81 7.21 -17.58
N ASP B 332 -2.43 8.50 -17.67
CA ASP B 332 -2.15 9.22 -18.93
C ASP B 332 -3.34 9.23 -19.95
N PRO B 333 -4.49 9.90 -19.65
CA PRO B 333 -5.60 9.92 -20.65
C PRO B 333 -5.33 10.77 -21.89
N LYS B 334 -5.99 10.45 -23.02
CA LYS B 334 -5.86 11.17 -24.27
C LYS B 334 -7.20 11.78 -24.62
N PHE B 335 -7.20 13.06 -25.04
CA PHE B 335 -8.41 13.82 -25.34
C PHE B 335 -8.42 14.29 -26.78
N SER B 336 -9.61 14.54 -27.35
CA SER B 336 -9.75 15.00 -28.74
C SER B 336 -9.08 16.36 -29.03
N SER B 337 -8.91 17.22 -28.00
CA SER B 337 -8.26 18.53 -28.08
C SER B 337 -7.72 18.99 -26.71
N GLN B 338 -7.26 20.27 -26.64
CA GLN B 338 -6.71 20.87 -25.42
C GLN B 338 -7.79 21.27 -24.42
N THR B 339 -9.07 21.19 -24.84
CA THR B 339 -10.26 21.53 -24.03
C THR B 339 -10.61 20.40 -23.04
N LYS B 340 -10.28 19.13 -23.41
CA LYS B 340 -10.50 17.89 -22.64
C LYS B 340 -12.00 17.56 -22.54
N ASP B 341 -12.79 18.03 -23.52
CA ASP B 341 -14.23 17.82 -23.58
C ASP B 341 -14.65 16.46 -24.15
N LYS B 342 -13.71 15.68 -24.67
CA LYS B 342 -13.97 14.35 -25.23
C LYS B 342 -12.76 13.42 -25.06
N LEU B 343 -12.92 12.39 -24.23
CA LEU B 343 -11.89 11.37 -24.00
C LEU B 343 -11.79 10.55 -25.26
N VAL B 344 -10.55 10.24 -25.66
CA VAL B 344 -10.24 9.56 -26.91
C VAL B 344 -9.47 8.24 -26.61
N SER B 345 -9.01 8.04 -25.35
CA SER B 345 -8.34 6.83 -24.84
C SER B 345 -9.21 5.61 -25.13
N SER B 346 -8.90 4.95 -26.26
CA SER B 346 -9.59 3.79 -26.82
C SER B 346 -9.80 2.65 -25.81
N GLU B 347 -8.79 2.38 -24.94
CA GLU B 347 -8.80 1.34 -23.90
C GLU B 347 -9.85 1.59 -22.76
N VAL B 348 -10.39 2.80 -22.66
CA VAL B 348 -11.35 3.11 -21.61
C VAL B 348 -12.75 2.53 -21.94
N LYS B 349 -13.13 2.54 -23.24
CA LYS B 349 -14.38 1.96 -23.72
C LYS B 349 -14.47 0.52 -23.26
N SER B 350 -13.45 -0.31 -23.58
CA SER B 350 -13.36 -1.71 -23.19
C SER B 350 -13.46 -1.88 -21.66
N ALA B 351 -12.74 -1.07 -20.87
CA ALA B 351 -12.75 -1.10 -19.40
C ALA B 351 -14.15 -0.77 -18.81
N VAL B 352 -14.83 0.26 -19.37
CA VAL B 352 -16.17 0.68 -18.95
C VAL B 352 -17.18 -0.40 -19.39
N GLU B 353 -17.22 -0.70 -20.70
CA GLU B 353 -18.11 -1.67 -21.34
C GLU B 353 -18.10 -3.03 -20.68
N GLN B 354 -16.91 -3.63 -20.46
CA GLN B 354 -16.77 -4.95 -19.86
C GLN B 354 -17.24 -4.98 -18.41
N GLN B 355 -16.84 -4.01 -17.58
CA GLN B 355 -17.26 -4.00 -16.19
C GLN B 355 -18.77 -3.73 -16.02
N MET B 356 -19.35 -2.87 -16.89
CA MET B 356 -20.77 -2.53 -16.82
C MET B 356 -21.67 -3.65 -17.39
N ASN B 357 -21.23 -4.36 -18.46
CA ASN B 357 -21.97 -5.50 -19.02
C ASN B 357 -22.19 -6.56 -17.94
N GLU B 358 -21.12 -6.93 -17.23
CA GLU B 358 -21.07 -7.92 -16.15
C GLU B 358 -21.98 -7.59 -14.97
N LEU B 359 -21.78 -6.41 -14.36
CA LEU B 359 -22.43 -5.95 -13.15
C LEU B 359 -23.85 -5.42 -13.35
N LEU B 360 -24.15 -4.82 -14.53
CA LEU B 360 -25.52 -4.38 -14.84
C LEU B 360 -26.41 -5.62 -15.06
N ALA B 361 -25.84 -6.70 -15.64
CA ALA B 361 -26.59 -7.96 -15.81
C ALA B 361 -26.92 -8.58 -14.46
N GLU B 362 -26.00 -8.51 -13.47
CA GLU B 362 -26.26 -8.99 -12.10
C GLU B 362 -27.34 -8.11 -11.46
N TYR B 363 -27.28 -6.76 -11.64
CA TYR B 363 -28.28 -5.80 -11.14
C TYR B 363 -29.68 -6.17 -11.59
N LEU B 364 -29.91 -6.29 -12.92
CA LEU B 364 -31.22 -6.66 -13.50
C LEU B 364 -31.78 -7.98 -12.94
N LEU B 365 -30.90 -8.94 -12.62
CA LEU B 365 -31.29 -10.22 -12.03
C LEU B 365 -31.61 -10.06 -10.54
N GLU B 366 -30.71 -9.36 -9.79
CA GLU B 366 -30.78 -9.09 -8.36
C GLU B 366 -32.02 -8.26 -7.98
N ASN B 367 -32.32 -7.20 -8.78
CA ASN B 367 -33.47 -6.32 -8.58
C ASN B 367 -34.41 -6.42 -9.79
N PRO B 368 -35.25 -7.48 -9.89
CA PRO B 368 -36.12 -7.61 -11.08
C PRO B 368 -37.36 -6.70 -11.08
N THR B 369 -37.64 -6.01 -9.96
CA THR B 369 -38.75 -5.07 -9.89
C THR B 369 -38.31 -3.86 -10.69
N ASP B 370 -37.09 -3.38 -10.36
CA ASP B 370 -36.42 -2.23 -10.95
C ASP B 370 -36.21 -2.44 -12.45
N ALA B 371 -35.82 -3.65 -12.84
CA ALA B 371 -35.57 -4.07 -14.22
C ALA B 371 -36.83 -3.93 -15.11
N LYS B 372 -38.00 -4.31 -14.58
CA LYS B 372 -39.29 -4.26 -15.28
C LYS B 372 -39.81 -2.82 -15.41
N ILE B 373 -39.51 -1.96 -14.42
CA ILE B 373 -39.90 -0.54 -14.41
C ILE B 373 -39.11 0.22 -15.46
N VAL B 374 -37.79 -0.04 -15.53
CA VAL B 374 -36.79 0.64 -16.37
C VAL B 374 -37.03 0.35 -17.85
N VAL B 375 -37.21 -0.95 -18.18
CA VAL B 375 -37.49 -1.46 -19.52
C VAL B 375 -38.87 -0.93 -19.97
N GLY B 376 -39.85 -1.03 -19.06
CA GLY B 376 -41.21 -0.54 -19.25
C GLY B 376 -41.25 0.91 -19.69
N LYS B 377 -40.49 1.78 -18.98
CA LYS B 377 -40.30 3.21 -19.21
C LYS B 377 -39.70 3.48 -20.60
N ILE B 378 -38.55 2.83 -20.92
CA ILE B 378 -37.80 2.93 -22.17
C ILE B 378 -38.70 2.63 -23.41
N ILE B 379 -39.52 1.55 -23.35
CA ILE B 379 -40.41 1.18 -24.47
C ILE B 379 -41.57 2.16 -24.58
N ASP B 380 -42.18 2.52 -23.44
CA ASP B 380 -43.30 3.44 -23.33
C ASP B 380 -43.03 4.79 -23.99
N ALA B 381 -41.85 5.38 -23.69
CA ALA B 381 -41.42 6.65 -24.28
C ALA B 381 -41.24 6.51 -25.80
N ALA B 382 -40.69 5.37 -26.28
CA ALA B 382 -40.54 5.08 -27.70
C ALA B 382 -41.90 4.89 -28.38
N ARG B 383 -42.85 4.23 -27.70
CA ARG B 383 -44.22 4.06 -28.20
C ARG B 383 -44.96 5.40 -28.25
N ALA B 384 -44.74 6.27 -27.25
CA ALA B 384 -45.36 7.61 -27.23
C ALA B 384 -44.78 8.53 -28.31
N ARG B 385 -43.44 8.51 -28.54
CA ARG B 385 -42.75 9.33 -29.57
C ARG B 385 -43.21 8.92 -30.96
N GLU B 386 -43.37 7.60 -31.17
CA GLU B 386 -43.84 7.00 -32.41
C GLU B 386 -45.31 7.40 -32.58
N ALA B 387 -46.12 7.28 -31.50
CA ALA B 387 -47.53 7.66 -31.50
C ALA B 387 -47.72 9.14 -31.86
N ALA B 388 -46.85 10.06 -31.31
CA ALA B 388 -46.87 11.50 -31.59
C ALA B 388 -46.50 11.78 -33.05
N ARG B 389 -45.48 11.06 -33.55
CA ARG B 389 -44.99 11.18 -34.93
CA ARG B 389 -44.99 11.17 -34.94
C ARG B 389 -46.09 10.79 -35.95
N ARG B 390 -46.90 9.74 -35.63
CA ARG B 390 -48.01 9.24 -36.46
CA ARG B 390 -47.99 9.29 -36.49
C ARG B 390 -49.23 10.17 -36.35
N ALA B 391 -49.41 10.80 -35.17
CA ALA B 391 -50.51 11.74 -34.92
C ALA B 391 -50.27 13.04 -35.71
N ARG B 392 -48.98 13.40 -35.88
CA ARG B 392 -48.50 14.56 -36.64
C ARG B 392 -48.85 14.31 -38.13
N GLU B 393 -48.52 13.10 -38.64
CA GLU B 393 -48.79 12.62 -40.00
C GLU B 393 -50.28 12.65 -40.40
N MET B 394 -51.15 12.12 -39.51
CA MET B 394 -52.60 12.02 -39.74
C MET B 394 -53.41 13.33 -39.54
N THR B 395 -52.78 14.42 -39.08
CA THR B 395 -53.48 15.69 -38.84
C THR B 395 -53.82 16.42 -40.16
N ARG B 396 -55.11 16.81 -40.31
CA ARG B 396 -55.65 17.56 -41.44
C ARG B 396 -55.34 19.07 -41.28
P PO4 C . 15.00 -32.57 8.29
O1 PO4 C . 14.09 -32.26 7.06
O2 PO4 C . 15.55 -31.20 8.94
O3 PO4 C . 14.20 -33.38 9.41
O4 PO4 C . 16.25 -33.44 7.80
P PO4 D . 27.66 -19.02 -12.52
O1 PO4 D . 26.99 -17.63 -12.73
O2 PO4 D . 26.83 -19.89 -11.46
O3 PO4 D . 27.68 -19.85 -13.88
O4 PO4 D . 29.15 -18.78 -11.99
O1 PG4 E . 11.79 -21.41 24.54
C1 PG4 E . 12.70 -21.42 25.64
C2 PG4 E . 12.77 -22.76 26.31
O2 PG4 E . 11.52 -23.11 26.90
C3 PG4 E . 11.01 -24.37 26.47
C4 PG4 E . 11.51 -25.50 27.32
O3 PG4 E . 11.90 -26.61 26.53
C5 PG4 E . 13.32 -26.73 26.37
C6 PG4 E . 13.69 -27.07 24.95
O4 PG4 E . 13.17 -26.12 24.03
C7 PG4 E . 13.88 -26.06 22.80
C8 PG4 E . 13.84 -24.65 22.27
O5 PG4 E . 14.59 -23.73 23.04
CL CL F . 7.96 -25.66 -7.10
NA NA G . 19.30 -15.25 19.66
K K H . 16.30 3.79 11.28
K K I . 15.40 -10.38 12.25
K K J . -6.74 -22.69 14.20
C1 BHW K . 18.85 -9.75 -1.76
C2 BHW K . 19.03 -8.53 -0.90
C3 BHW K . 20.11 -8.02 -0.26
C4 BHW K . 19.74 -6.80 0.34
C5 BHW K . 18.25 -6.71 -0.05
C6 BHW K . 17.39 -5.57 0.30
C7 BHW K . 17.31 -3.64 1.72
N1 BHW K . 17.87 -7.68 -0.74
O2 BHW K . 17.92 -4.88 1.32
O3 BHW K . 16.45 -1.52 3.38
O4 BHW K . 19.47 -2.63 1.51
O6 BHW K . 12.57 3.86 2.25
O1 BHW K . 16.35 -5.30 -0.26
C8 BHW K . 16.10 -3.85 2.64
C9 BHW K . 15.48 -2.49 2.97
C10 BHW K . 17.78 -1.36 2.81
C11 BHW K . 18.37 -2.79 2.39
C12 BHW K . 20.66 -3.26 1.91
C13 BHW K . 18.60 -0.81 3.97
C14 BHW K . 17.74 -0.33 1.69
O5 BHW K . 14.78 -2.08 1.81
C15 BHW K . 14.25 -0.81 1.76
C16 BHW K . 13.91 -0.39 0.46
C17 BHW K . 13.31 0.87 0.35
C18 BHW K . 13.15 1.72 1.45
C19 BHW K . 13.51 1.26 2.71
C20 BHW K . 14.05 -0.01 2.87
C21 BHW K . 12.51 3.01 1.22
C22 BHW K . 12.00 3.34 0.00
C23 BHW K . 12.20 2.39 -1.16
O7 BHW K . 12.85 1.21 -0.91
O8 BHW K . 11.84 2.58 -2.30
N2 BHW K . 11.18 4.42 -0.35
C24 BHW K . 10.58 5.32 0.47
O9 BHW K . 10.22 5.07 1.62
C25 BHW K . 10.25 6.66 -0.16
C26 BHW K . 9.73 7.73 0.53
N3 BHW K . 9.52 8.81 -0.28
C27 BHW K . 9.86 8.52 -1.58
C28 BHW K . 10.34 7.08 -1.54
C29 BHW K . 10.76 6.22 -2.69
C30 BHW K . 9.76 9.42 -2.73
O10 BHW K . 10.02 9.01 -3.86
N4 BHW K . 9.35 10.70 -2.46
C31 BHW K . 8.10 11.25 -2.77
C32 BHW K . 7.53 12.00 -1.59
O11 BHW K . 6.45 12.82 -1.84
C33 BHW K . 5.90 12.97 -3.09
C34 BHW K . 6.36 12.23 -4.20
C35 BHW K . 7.50 11.34 -3.99
O12 BHW K . 7.89 10.64 -5.06
C36 BHW K . 5.72 12.39 -5.42
C37 BHW K . 4.66 13.26 -5.56
C38 BHW K . 4.23 14.01 -4.45
C39 BHW K . 4.87 13.91 -3.21
C40 BHW K . 4.51 14.82 -2.06
O13 BHW K . 3.14 14.84 -4.48
O14 BHW K . 7.88 11.93 -0.44
C41 BHW K . 14.23 -1.22 -0.75
O15 BHW K . 16.37 -4.55 3.84
C42 BHW K . 2.71 15.41 -5.69
C43 BHW K . 1.65 16.45 -5.33
C44 BHW K . 2.34 17.75 -4.91
C45 BHW K . 3.20 18.31 -6.04
C46 BHW K . 4.33 17.26 -6.39
O16 BHW K . 3.83 15.88 -6.43
C47 BHW K . 4.79 17.45 -7.82
C48 BHW K . 5.53 17.33 -5.46
O17 BHW K . 3.77 19.55 -5.66
O18 BHW K . 0.72 16.61 -6.38
O19 BHW K . 1.43 18.78 -4.48
C49 BHW K . 3.35 20.65 -6.45
C50 BHW K . 0.88 18.71 -3.25
C51 BHW K . 0.17 19.98 -2.95
O20 BHW K . 0.95 17.77 -2.51
C52 BHW K . 0.27 21.34 -3.67
N5 BHW K . -0.67 20.04 -1.95
C53 BHW K . -1.15 21.41 -1.92
C54 BHW K . -0.61 22.16 -2.93
C55 BHW K . -2.11 21.71 -0.80
P PO4 L . -27.30 22.72 -4.33
O1 PO4 L . -27.96 24.08 -3.81
O2 PO4 L . -26.03 23.07 -5.17
O3 PO4 L . -28.36 21.92 -5.24
O4 PO4 L . -26.89 21.82 -3.07
P PO4 M . -5.47 35.28 8.43
O1 PO4 M . -6.81 34.86 7.69
O2 PO4 M . -5.82 35.64 9.95
O3 PO4 M . -4.82 36.52 7.72
O4 PO4 M . -4.45 34.04 8.44
P PO4 N . -27.63 -0.65 -1.91
O1 PO4 N . -28.57 0.30 -2.79
O2 PO4 N . -26.83 -1.59 -2.86
O3 PO4 N . -28.56 -1.52 -0.93
O4 PO4 N . -26.62 0.22 -1.03
CL CL O . -17.76 17.71 10.78
#